data_3MDN
#
_entry.id   3MDN
#
_cell.length_a   66.367
_cell.length_b   72.960
_cell.length_c   106.722
_cell.angle_alpha   90.000
_cell.angle_beta   91.770
_cell.angle_gamma   90.000
#
_symmetry.space_group_name_H-M   'P 1 21 1'
#
loop_
_entity.id
_entity.type
_entity.pdbx_description
1 polymer 'Glutamine aminotransferase class-II domain protein'
2 water water
#
_entity_poly.entity_id   1
_entity_poly.type   'polypeptide(L)'
_entity_poly.pdbx_seq_one_letter_code
;(MSE)SLCRWAAYHGTPIFLEDVISRPGHSLIAQSAHAEECKTATNGDGFGVAWYDARPEPGLYRDVYPAWSDPNLRAVA
HHVRSGLFLSHVRASTGSCISRNNCHPFAARRWCF(MSE)HNGQVGGFEAFRKQAD(MSE)AIADEFYTYRKGSTDSEVL
FLLALSEGLEHDPHGALARAIARLEGLSRAHGTTPH(MSE)RLSAAFSDGQTLYAARYSSDHIAPSVYYRYSHARQGWAV
VSEPLETDEGDWTELRPGR(MSE)LTIGAEGAAERDFAPADLGRAAEGHHHHHH
;
_entity_poly.pdbx_strand_id   A,B,C,D
#
# COMPACT_ATOMS: atom_id res chain seq x y z
N CYS A 4 5.71 -13.44 17.05
CA CYS A 4 4.43 -12.75 16.82
C CYS A 4 4.02 -11.84 17.99
N ARG A 5 4.92 -10.96 18.39
CA ARG A 5 4.79 -10.16 19.61
C ARG A 5 3.55 -9.27 19.69
N TRP A 6 2.94 -9.17 20.87
CA TRP A 6 1.91 -8.16 21.09
C TRP A 6 2.06 -7.42 22.41
N ALA A 7 1.37 -6.28 22.53
CA ALA A 7 1.39 -5.47 23.74
C ALA A 7 0.07 -4.79 23.90
N ALA A 8 -0.39 -4.76 25.14
CA ALA A 8 -1.66 -4.15 25.48
C ALA A 8 -1.42 -3.28 26.71
N TYR A 9 -2.23 -2.25 26.91
CA TYR A 9 -2.01 -1.31 28.02
C TYR A 9 -3.35 -0.90 28.59
N HIS A 10 -3.40 -0.70 29.91
CA HIS A 10 -4.62 -0.25 30.59
C HIS A 10 -4.18 0.61 31.78
N GLY A 11 -4.50 1.91 31.74
CA GLY A 11 -4.14 2.84 32.83
C GLY A 11 -4.23 4.30 32.40
N THR A 12 -3.40 5.17 32.98
CA THR A 12 -3.35 6.59 32.59
C THR A 12 -2.91 6.74 31.13
N PRO A 13 -3.63 7.55 30.31
CA PRO A 13 -3.31 7.64 28.87
C PRO A 13 -1.86 7.93 28.56
N ILE A 14 -1.27 7.09 27.69
CA ILE A 14 0.05 7.37 27.13
C ILE A 14 0.02 7.41 25.59
N PHE A 15 1.05 7.96 24.97
CA PHE A 15 1.13 7.90 23.51
C PHE A 15 1.33 6.43 23.19
N LEU A 16 0.73 5.99 22.10
CA LEU A 16 0.77 4.57 21.75
C LEU A 16 2.22 4.09 21.61
N GLU A 17 3.10 4.91 21.03
CA GLU A 17 4.49 4.52 20.87
C GLU A 17 5.24 4.26 22.19
N ASP A 18 4.76 4.81 23.31
CA ASP A 18 5.45 4.67 24.60
C ASP A 18 5.40 3.19 25.03
N VAL A 19 4.58 2.40 24.34
CA VAL A 19 4.51 0.94 24.47
C VAL A 19 4.96 0.30 23.15
N ILE A 20 4.38 0.77 22.04
CA ILE A 20 4.56 0.16 20.71
C ILE A 20 6.02 0.11 20.22
N GLY A 45 3.10 -7.56 8.98
CA GLY A 45 1.85 -7.50 9.74
C GLY A 45 1.93 -6.48 10.86
N PHE A 46 0.86 -5.70 11.02
CA PHE A 46 0.78 -4.76 12.14
C PHE A 46 -0.61 -4.18 12.36
N GLY A 47 -0.86 -3.75 13.60
CA GLY A 47 -2.13 -3.14 13.93
C GLY A 47 -2.20 -2.65 15.36
N VAL A 48 -3.15 -1.74 15.58
CA VAL A 48 -3.40 -1.18 16.88
C VAL A 48 -4.89 -0.87 17.00
N ALA A 49 -5.45 -1.23 18.16
CA ALA A 49 -6.81 -0.88 18.48
C ALA A 49 -6.71 -0.05 19.72
N TRP A 50 -7.39 1.10 19.77
CA TRP A 50 -7.27 1.96 20.96
C TRP A 50 -8.58 2.61 21.27
N TYR A 51 -8.78 2.91 22.55
CA TYR A 51 -9.99 3.61 22.96
C TYR A 51 -9.59 5.03 23.33
N ASP A 52 -10.42 5.97 22.92
CA ASP A 52 -10.22 7.37 23.20
C ASP A 52 -11.55 8.03 23.51
N ALA A 53 -12.22 8.52 22.48
CA ALA A 53 -13.43 9.31 22.72
C ALA A 53 -14.72 8.54 22.45
N ARG A 54 -14.63 7.32 21.92
CA ARG A 54 -15.86 6.62 21.55
C ARG A 54 -15.93 5.29 22.30
N PRO A 55 -17.15 4.73 22.47
CA PRO A 55 -17.20 3.39 23.08
C PRO A 55 -16.57 2.35 22.12
N GLU A 56 -16.55 2.62 20.82
CA GLU A 56 -15.81 1.72 19.87
C GLU A 56 -14.33 2.07 19.86
N PRO A 57 -13.45 1.09 19.66
CA PRO A 57 -12.04 1.41 19.47
C PRO A 57 -11.74 1.92 18.05
N GLY A 58 -10.81 2.85 17.91
CA GLY A 58 -10.23 3.08 16.58
C GLY A 58 -9.40 1.84 16.25
N LEU A 59 -9.34 1.48 14.98
CA LEU A 59 -8.58 0.31 14.55
C LEU A 59 -7.68 0.63 13.33
N TYR A 60 -6.37 0.55 13.49
CA TYR A 60 -5.43 0.81 12.41
C TYR A 60 -4.69 -0.47 12.16
N ARG A 61 -4.79 -0.97 10.93
CA ARG A 61 -4.03 -2.14 10.52
C ARG A 61 -3.63 -2.16 9.05
N ASP A 62 -2.44 -2.69 8.80
CA ASP A 62 -1.82 -2.62 7.50
C ASP A 62 -0.85 -3.78 7.36
N VAL A 63 -0.46 -4.09 6.14
CA VAL A 63 0.47 -5.19 5.89
C VAL A 63 1.93 -4.68 5.76
N TYR A 64 2.14 -3.41 6.05
CA TYR A 64 3.48 -2.84 5.93
C TYR A 64 4.25 -2.97 7.26
N PRO A 65 5.59 -3.09 7.21
CA PRO A 65 6.28 -3.28 8.49
C PRO A 65 6.11 -2.03 9.36
N ALA A 66 5.73 -2.22 10.63
CA ALA A 66 5.63 -1.10 11.57
C ALA A 66 6.81 -0.14 11.44
N TRP A 67 8.02 -0.70 11.36
CA TRP A 67 9.24 0.11 11.21
C TRP A 67 9.10 1.08 10.04
N SER A 68 8.48 0.61 8.95
CA SER A 68 8.50 1.32 7.66
C SER A 68 7.15 1.80 7.12
N ASP A 69 6.25 2.20 8.01
CA ASP A 69 5.00 2.86 7.62
C ASP A 69 4.94 4.21 8.33
N PRO A 70 5.13 5.32 7.61
CA PRO A 70 5.24 6.61 8.30
C PRO A 70 3.91 7.10 8.91
N ASN A 71 2.78 6.62 8.38
CA ASN A 71 1.48 6.98 8.90
C ASN A 71 1.25 6.33 10.28
N LEU A 72 1.58 5.05 10.39
CA LEU A 72 1.49 4.41 11.67
C LEU A 72 2.38 5.14 12.67
N ARG A 73 3.56 5.52 12.21
CA ARG A 73 4.48 6.23 13.06
C ARG A 73 3.87 7.54 13.59
N ALA A 74 3.23 8.29 12.70
CA ALA A 74 2.58 9.52 13.12
C ALA A 74 1.41 9.26 14.07
N VAL A 75 0.58 8.25 13.81
CA VAL A 75 -0.48 7.89 14.73
C VAL A 75 0.07 7.52 16.14
N ALA A 76 1.11 6.68 16.19
CA ALA A 76 1.64 6.21 17.49
C ALA A 76 2.36 7.32 18.21
N HIS A 77 2.87 8.29 17.48
CA HIS A 77 3.61 9.38 18.10
C HIS A 77 2.63 10.48 18.59
N HIS A 78 1.42 10.53 18.03
CA HIS A 78 0.52 11.65 18.34
C HIS A 78 -0.76 11.29 19.10
N VAL A 79 -1.19 10.04 19.02
CA VAL A 79 -2.45 9.68 19.67
C VAL A 79 -2.15 9.14 21.07
N ARG A 80 -2.91 9.63 22.05
CA ARG A 80 -2.84 9.16 23.44
C ARG A 80 -4.05 8.29 23.82
N SER A 81 -3.83 7.24 24.61
CA SER A 81 -4.90 6.35 25.03
C SER A 81 -4.58 5.61 26.34
N GLY A 82 -5.63 5.38 27.11
CA GLY A 82 -5.53 4.68 28.38
C GLY A 82 -5.92 3.22 28.26
N LEU A 83 -6.28 2.78 27.06
CA LEU A 83 -6.61 1.35 26.84
C LEU A 83 -6.43 0.99 25.39
N PHE A 84 -5.40 0.22 25.08
CA PHE A 84 -5.13 -0.08 23.68
C PHE A 84 -4.41 -1.41 23.56
N LEU A 85 -4.44 -1.96 22.34
CA LEU A 85 -3.84 -3.27 22.08
C LEU A 85 -3.07 -3.13 20.78
N SER A 86 -1.84 -3.62 20.70
CA SER A 86 -1.08 -3.54 19.45
C SER A 86 -0.29 -4.81 19.20
N HIS A 87 -0.08 -5.17 17.94
CA HIS A 87 0.24 -6.58 17.57
C HIS A 87 1.04 -6.68 16.28
N VAL A 88 2.23 -7.28 16.39
CA VAL A 88 3.06 -7.57 15.21
C VAL A 88 2.90 -9.04 14.80
N CYS A 101 -4.88 -9.51 9.70
CA CYS A 101 -4.02 -8.86 10.70
C CYS A 101 -4.84 -8.58 11.97
N HIS A 102 -4.20 -8.69 13.13
CA HIS A 102 -4.85 -8.42 14.42
C HIS A 102 -4.56 -6.98 14.72
N PRO A 103 -5.32 -6.35 15.62
CA PRO A 103 -6.48 -6.85 16.32
C PRO A 103 -7.71 -6.87 15.41
N PHE A 104 -8.74 -7.59 15.86
CA PHE A 104 -10.06 -7.56 15.30
C PHE A 104 -10.94 -6.73 16.25
N ALA A 105 -12.02 -6.16 15.73
CA ALA A 105 -12.90 -5.29 16.52
C ALA A 105 -14.31 -5.50 16.04
N ALA A 106 -15.25 -5.46 16.97
CA ALA A 106 -16.67 -5.53 16.65
C ALA A 106 -17.40 -4.87 17.77
N ARG A 107 -18.25 -3.91 17.43
CA ARG A 107 -18.97 -3.15 18.45
C ARG A 107 -17.95 -2.61 19.44
N ARG A 108 -18.17 -2.86 20.72
CA ARG A 108 -17.31 -2.26 21.74
C ARG A 108 -16.02 -3.05 22.03
N TRP A 109 -15.86 -4.21 21.40
CA TRP A 109 -14.79 -5.14 21.75
C TRP A 109 -13.67 -5.19 20.74
N CYS A 110 -12.45 -5.49 21.20
CA CYS A 110 -11.36 -5.80 20.28
C CYS A 110 -10.61 -6.98 20.84
N PHE A 111 -9.76 -7.62 20.02
CA PHE A 111 -9.27 -8.93 20.36
C PHE A 111 -8.07 -9.21 19.46
N MSE A 112 -7.02 -9.73 20.08
CA MSE A 112 -5.86 -10.19 19.33
C MSE A 112 -5.32 -11.47 19.93
O MSE A 112 -5.52 -11.75 21.11
CB MSE A 112 -4.81 -9.07 19.20
CG MSE A 112 -3.89 -8.92 20.34
SE MSE A 112 -2.83 -7.30 20.02
CE MSE A 112 -3.89 -6.22 21.16
N HIS A 113 -4.66 -12.27 19.10
CA HIS A 113 -4.39 -13.65 19.44
C HIS A 113 -3.11 -14.08 18.77
N ASN A 114 -2.28 -14.77 19.56
CA ASN A 114 -1.04 -15.36 19.11
C ASN A 114 -1.18 -16.86 19.29
N GLY A 115 -0.83 -17.62 18.27
CA GLY A 115 -0.90 -19.08 18.38
C GLY A 115 -1.62 -19.65 17.17
N GLN A 116 -2.40 -20.73 17.35
CA GLN A 116 -2.93 -21.44 16.22
C GLN A 116 -3.90 -22.52 16.65
N VAL A 117 -4.81 -22.88 15.76
CA VAL A 117 -5.71 -24.03 15.89
C VAL A 117 -5.15 -25.05 14.90
N GLY A 118 -4.76 -26.23 15.38
CA GLY A 118 -4.06 -27.18 14.50
C GLY A 118 -4.93 -27.68 13.36
N GLY A 119 -4.41 -27.59 12.14
CA GLY A 119 -5.10 -28.07 10.93
C GLY A 119 -6.32 -27.27 10.56
N PHE A 120 -6.39 -26.03 11.04
CA PHE A 120 -7.56 -25.16 10.84
C PHE A 120 -8.09 -25.16 9.40
N GLU A 121 -7.20 -25.05 8.44
CA GLU A 121 -7.60 -24.88 7.04
C GLU A 121 -8.46 -26.03 6.58
N ALA A 122 -8.32 -27.17 7.23
CA ALA A 122 -9.01 -28.37 6.73
C ALA A 122 -10.43 -28.45 7.27
N PHE A 123 -10.81 -27.53 8.17
CA PHE A 123 -12.19 -27.48 8.67
C PHE A 123 -12.73 -26.05 8.80
N ARG A 124 -12.15 -25.14 8.02
CA ARG A 124 -12.51 -23.73 8.14
C ARG A 124 -14.02 -23.46 7.94
N LYS A 125 -14.61 -24.17 6.97
CA LYS A 125 -16.04 -24.04 6.71
C LYS A 125 -16.91 -24.35 7.96
N GLN A 126 -16.60 -25.46 8.63
CA GLN A 126 -17.29 -25.84 9.87
C GLN A 126 -17.12 -24.82 11.00
N ALA A 127 -15.91 -24.26 11.16
CA ALA A 127 -15.71 -23.21 12.14
C ALA A 127 -16.56 -21.98 11.78
N ASP A 128 -16.50 -21.51 10.53
CA ASP A 128 -17.28 -20.35 10.11
C ASP A 128 -18.79 -20.58 10.33
N MSE A 129 -19.27 -21.77 9.98
CA MSE A 129 -20.69 -22.08 10.17
C MSE A 129 -21.12 -22.08 11.63
O MSE A 129 -22.31 -21.95 11.91
CB MSE A 129 -21.08 -23.40 9.47
CG MSE A 129 -22.10 -23.20 8.30
SE MSE A 129 -21.62 -22.01 6.77
CE MSE A 129 -20.47 -23.33 5.95
N ALA A 130 -20.18 -22.19 12.56
CA ALA A 130 -20.52 -22.12 13.99
C ALA A 130 -20.76 -20.69 14.49
N ILE A 131 -20.42 -19.69 13.70
CA ILE A 131 -20.60 -18.32 14.12
C ILE A 131 -22.10 -17.92 14.13
N ALA A 132 -22.62 -17.35 15.20
CA ALA A 132 -24.03 -16.95 15.20
C ALA A 132 -24.30 -16.01 14.04
N ASP A 133 -25.49 -16.12 13.44
CA ASP A 133 -25.93 -15.23 12.39
C ASP A 133 -25.63 -13.76 12.70
N GLU A 134 -25.84 -13.38 13.96
CA GLU A 134 -25.70 -11.99 14.42
C GLU A 134 -24.26 -11.43 14.28
N PHE A 135 -23.28 -12.31 14.38
CA PHE A 135 -21.87 -11.87 14.28
C PHE A 135 -21.18 -12.21 12.97
N TYR A 136 -21.88 -12.92 12.09
CA TYR A 136 -21.26 -13.34 10.84
C TYR A 136 -20.84 -12.14 9.97
N THR A 137 -21.60 -11.07 10.04
CA THR A 137 -21.27 -9.88 9.26
C THR A 137 -19.86 -9.35 9.51
N TYR A 138 -19.27 -9.69 10.66
CA TYR A 138 -17.97 -9.16 11.05
C TYR A 138 -16.83 -10.05 10.56
N ARG A 139 -17.17 -11.20 10.00
CA ARG A 139 -16.15 -12.14 9.56
C ARG A 139 -15.66 -11.63 8.23
N LYS A 140 -14.50 -10.98 8.20
CA LYS A 140 -14.06 -10.33 6.94
C LYS A 140 -12.90 -11.06 6.25
N GLY A 141 -12.13 -11.83 7.02
CA GLY A 141 -11.06 -12.65 6.40
C GLY A 141 -11.17 -14.17 6.64
N SER A 142 -10.02 -14.85 6.71
CA SER A 142 -9.99 -16.29 6.81
C SER A 142 -9.15 -16.89 7.97
N THR A 143 -8.66 -16.06 8.89
CA THR A 143 -7.82 -16.55 9.97
C THR A 143 -8.63 -17.30 11.03
N ASP A 144 -7.95 -18.21 11.75
CA ASP A 144 -8.52 -18.84 12.95
C ASP A 144 -8.75 -17.83 14.07
N SER A 145 -7.84 -16.88 14.21
CA SER A 145 -7.95 -15.87 15.27
C SER A 145 -9.27 -15.13 15.19
N GLU A 146 -9.67 -14.71 14.00
CA GLU A 146 -10.92 -13.96 13.81
C GLU A 146 -12.14 -14.81 14.17
N VAL A 147 -12.13 -16.08 13.75
CA VAL A 147 -13.19 -17.01 14.14
C VAL A 147 -13.31 -17.17 15.68
N LEU A 148 -12.18 -17.28 16.38
CA LEU A 148 -12.21 -17.35 17.82
C LEU A 148 -12.94 -16.19 18.40
N PHE A 149 -12.58 -14.99 17.95
CA PHE A 149 -13.19 -13.77 18.51
C PHE A 149 -14.70 -13.82 18.27
N LEU A 150 -15.13 -14.15 17.05
CA LEU A 150 -16.54 -14.08 16.69
C LEU A 150 -17.33 -15.24 17.30
N LEU A 151 -16.67 -16.37 17.49
CA LEU A 151 -17.28 -17.46 18.23
C LEU A 151 -17.42 -17.06 19.72
N ALA A 152 -16.41 -16.40 20.28
CA ALA A 152 -16.54 -15.89 21.65
C ALA A 152 -17.73 -14.93 21.78
N LEU A 153 -17.86 -13.97 20.86
CA LEU A 153 -19.01 -13.09 20.88
C LEU A 153 -20.33 -13.88 20.80
N SER A 154 -20.32 -14.93 19.98
CA SER A 154 -21.49 -15.80 19.79
C SER A 154 -21.85 -16.50 21.07
N GLU A 155 -20.84 -16.77 21.90
CA GLU A 155 -21.03 -17.49 23.14
C GLU A 155 -21.34 -16.54 24.29
N GLY A 156 -21.50 -15.26 23.98
CA GLY A 156 -21.91 -14.25 24.96
C GLY A 156 -20.74 -13.51 25.61
N LEU A 157 -19.68 -13.22 24.85
CA LEU A 157 -18.54 -12.46 25.37
C LEU A 157 -18.96 -11.12 26.01
N GLU A 158 -19.97 -10.49 25.44
CA GLU A 158 -20.42 -9.18 25.91
C GLU A 158 -20.89 -9.15 27.36
N HIS A 159 -21.36 -10.27 27.86
CA HIS A 159 -21.85 -10.31 29.22
C HIS A 159 -21.14 -11.36 30.08
N ASP A 160 -20.34 -12.23 29.46
CA ASP A 160 -19.61 -13.27 30.21
C ASP A 160 -18.28 -13.64 29.52
N PRO A 161 -17.24 -12.80 29.70
CA PRO A 161 -16.00 -12.95 28.93
C PRO A 161 -15.31 -14.26 29.19
N HIS A 162 -15.16 -14.61 30.46
CA HIS A 162 -14.45 -15.84 30.88
C HIS A 162 -15.10 -17.06 30.26
N GLY A 163 -16.39 -17.24 30.57
CA GLY A 163 -17.18 -18.34 30.04
C GLY A 163 -17.27 -18.38 28.52
N ALA A 164 -17.51 -17.23 27.87
CA ALA A 164 -17.68 -17.23 26.40
C ALA A 164 -16.39 -17.63 25.68
N LEU A 165 -15.24 -17.14 26.13
CA LEU A 165 -13.99 -17.56 25.50
C LEU A 165 -13.70 -19.06 25.77
N ALA A 166 -14.06 -19.51 26.97
CA ALA A 166 -13.90 -20.92 27.36
C ALA A 166 -14.69 -21.80 26.39
N ARG A 167 -15.93 -21.41 26.14
CA ARG A 167 -16.75 -22.18 25.22
C ARG A 167 -16.27 -22.07 23.78
N ALA A 168 -15.90 -20.85 23.35
CA ALA A 168 -15.36 -20.70 22.00
C ALA A 168 -14.15 -21.61 21.75
N ILE A 169 -13.19 -21.58 22.66
CA ILE A 169 -12.01 -22.45 22.56
C ILE A 169 -12.34 -23.95 22.56
N ALA A 170 -13.30 -24.39 23.39
CA ALA A 170 -13.60 -25.84 23.46
C ALA A 170 -14.20 -26.31 22.13
N ARG A 171 -14.93 -25.41 21.50
CA ARG A 171 -15.47 -25.74 20.23
C ARG A 171 -14.38 -25.88 19.16
N LEU A 172 -13.50 -24.88 19.05
CA LEU A 172 -12.43 -24.97 18.06
C LEU A 172 -11.43 -26.09 18.33
N GLU A 173 -11.05 -26.27 19.61
CA GLU A 173 -10.20 -27.39 19.97
C GLU A 173 -10.87 -28.74 19.64
N GLY A 174 -12.18 -28.82 19.90
CA GLY A 174 -12.95 -30.01 19.58
C GLY A 174 -12.91 -30.22 18.07
N LEU A 175 -13.15 -29.16 17.30
CA LEU A 175 -13.09 -29.32 15.85
C LEU A 175 -11.70 -29.72 15.39
N SER A 176 -10.67 -29.17 16.02
CA SER A 176 -9.33 -29.58 15.66
C SER A 176 -9.07 -31.05 16.04
N ARG A 177 -9.54 -31.50 17.20
CA ARG A 177 -9.39 -32.93 17.53
C ARG A 177 -9.99 -33.84 16.46
N ALA A 178 -11.20 -33.50 16.02
CA ALA A 178 -11.90 -34.27 14.99
C ALA A 178 -11.25 -34.19 13.63
N HIS A 179 -10.86 -32.99 13.19
CA HIS A 179 -10.59 -32.80 11.73
C HIS A 179 -9.22 -32.19 11.47
N GLY A 180 -8.57 -31.71 12.54
CA GLY A 180 -7.28 -31.02 12.45
C GLY A 180 -6.05 -31.89 12.67
N THR A 181 -5.04 -31.31 13.33
CA THR A 181 -3.87 -32.02 13.77
C THR A 181 -3.42 -31.32 15.01
N THR A 182 -2.33 -31.81 15.58
CA THR A 182 -1.70 -31.17 16.74
C THR A 182 -0.81 -30.03 16.30
N PRO A 183 -0.62 -29.03 17.16
CA PRO A 183 -1.31 -28.93 18.43
C PRO A 183 -2.73 -28.41 18.21
N HIS A 184 -3.68 -28.94 18.97
CA HIS A 184 -5.05 -28.63 18.70
C HIS A 184 -5.40 -27.19 19.06
N MSE A 185 -4.79 -26.68 20.15
CA MSE A 185 -5.04 -25.29 20.58
C MSE A 185 -3.80 -24.67 21.25
O MSE A 185 -3.31 -25.16 22.31
CB MSE A 185 -6.25 -25.21 21.52
CG MSE A 185 -6.55 -23.74 22.06
SE MSE A 185 -7.10 -22.48 20.61
CE MSE A 185 -8.75 -23.44 20.06
N ARG A 186 -3.28 -23.59 20.65
CA ARG A 186 -2.22 -22.79 21.27
C ARG A 186 -2.74 -21.38 21.35
N LEU A 187 -2.81 -20.81 22.53
CA LEU A 187 -3.50 -19.53 22.62
C LEU A 187 -2.91 -18.63 23.66
N SER A 188 -2.53 -17.42 23.24
CA SER A 188 -2.44 -16.31 24.16
C SER A 188 -3.22 -15.19 23.49
N ALA A 189 -4.01 -14.47 24.26
CA ALA A 189 -4.93 -13.55 23.64
C ALA A 189 -5.06 -12.38 24.57
N ALA A 190 -5.33 -11.19 24.01
CA ALA A 190 -5.67 -10.01 24.81
C ALA A 190 -6.92 -9.43 24.16
N PHE A 191 -7.80 -8.86 24.97
CA PHE A 191 -9.09 -8.42 24.47
C PHE A 191 -9.72 -7.46 25.47
N SER A 192 -10.62 -6.58 25.00
CA SER A 192 -11.14 -5.53 25.88
C SER A 192 -12.48 -5.08 25.43
N ASP A 193 -13.24 -4.49 26.36
CA ASP A 193 -14.46 -3.77 25.98
C ASP A 193 -14.32 -2.25 26.13
N GLY A 194 -13.11 -1.75 26.27
CA GLY A 194 -12.99 -0.32 26.45
C GLY A 194 -12.96 0.13 27.89
N GLN A 195 -13.34 -0.75 28.82
CA GLN A 195 -13.28 -0.47 30.25
C GLN A 195 -12.30 -1.40 30.97
N THR A 196 -12.34 -2.68 30.59
CA THR A 196 -11.54 -3.72 31.19
C THR A 196 -10.61 -4.34 30.15
N LEU A 197 -9.41 -4.69 30.55
CA LEU A 197 -8.48 -5.42 29.71
C LEU A 197 -8.36 -6.83 30.28
N TYR A 198 -8.48 -7.83 29.40
CA TYR A 198 -8.44 -9.23 29.77
C TYR A 198 -7.28 -9.83 28.99
N ALA A 199 -6.65 -10.86 29.53
CA ALA A 199 -5.68 -11.66 28.76
C ALA A 199 -5.86 -13.10 29.20
N ALA A 200 -5.59 -14.05 28.31
CA ALA A 200 -5.69 -15.44 28.66
C ALA A 200 -4.53 -16.21 28.03
N ARG A 201 -4.16 -17.31 28.64
CA ARG A 201 -3.09 -18.14 28.15
C ARG A 201 -3.56 -19.57 28.37
N TYR A 202 -3.54 -20.37 27.32
CA TYR A 202 -4.05 -21.75 27.40
C TYR A 202 -3.47 -22.53 26.24
N SER A 203 -3.28 -23.82 26.45
CA SER A 203 -2.82 -24.69 25.40
C SER A 203 -3.27 -26.14 25.62
N SER A 204 -3.59 -26.83 24.53
CA SER A 204 -3.88 -28.26 24.59
C SER A 204 -2.66 -29.14 24.92
N ASP A 205 -1.45 -28.62 24.74
CA ASP A 205 -0.25 -29.42 25.10
C ASP A 205 0.63 -28.64 26.07
N HIS A 206 1.91 -28.98 26.10
CA HIS A 206 2.84 -28.41 27.08
C HIS A 206 3.46 -27.07 26.69
N ILE A 207 3.26 -26.62 25.45
CA ILE A 207 3.78 -25.33 25.01
C ILE A 207 2.61 -24.35 24.83
N ALA A 208 2.74 -23.19 25.46
CA ALA A 208 1.74 -22.15 25.36
C ALA A 208 2.44 -20.83 25.09
N PRO A 209 2.01 -20.11 24.04
CA PRO A 209 2.65 -18.85 23.73
C PRO A 209 2.64 -17.97 24.98
N SER A 210 3.71 -17.21 25.19
CA SER A 210 3.95 -16.61 26.48
C SER A 210 3.10 -15.34 26.73
N VAL A 211 2.81 -15.04 28.00
CA VAL A 211 2.14 -13.81 28.42
C VAL A 211 2.77 -13.29 29.71
N TYR A 212 3.14 -12.00 29.74
CA TYR A 212 3.71 -11.40 30.94
C TYR A 212 2.96 -10.12 31.22
N TYR A 213 2.93 -9.65 32.46
CA TYR A 213 2.34 -8.36 32.75
C TYR A 213 3.08 -7.64 33.86
N ARG A 214 2.92 -6.33 33.93
CA ARG A 214 3.67 -5.51 34.89
C ARG A 214 3.00 -4.14 35.07
N TYR A 215 2.95 -3.65 36.31
CA TYR A 215 2.44 -2.29 36.49
C TYR A 215 3.60 -1.33 36.32
N SER A 216 3.49 -0.35 35.43
CA SER A 216 4.57 0.62 35.29
C SER A 216 4.31 1.90 36.08
N HIS A 217 5.18 2.18 37.06
CA HIS A 217 5.04 3.40 37.86
C HIS A 217 5.33 4.67 37.05
N ALA A 218 6.20 4.59 36.05
CA ALA A 218 6.44 5.73 35.16
C ALA A 218 5.28 6.11 34.22
N ARG A 219 4.57 5.11 33.68
CA ARG A 219 3.37 5.39 32.89
C ARG A 219 2.15 5.50 33.79
N GLN A 220 2.22 4.87 34.96
CA GLN A 220 1.05 4.81 35.84
C GLN A 220 -0.09 4.00 35.14
N GLY A 221 0.21 2.76 34.75
CA GLY A 221 -0.76 1.82 34.23
C GLY A 221 -0.15 0.43 34.02
N TRP A 222 -0.99 -0.55 33.73
CA TRP A 222 -0.53 -1.93 33.50
C TRP A 222 -0.16 -2.17 32.06
N ALA A 223 0.94 -2.90 31.86
CA ALA A 223 1.23 -3.37 30.52
C ALA A 223 1.18 -4.90 30.49
N VAL A 224 0.58 -5.48 29.44
CA VAL A 224 0.54 -6.91 29.26
C VAL A 224 1.14 -7.19 27.88
N VAL A 225 2.05 -8.17 27.80
CA VAL A 225 2.84 -8.35 26.59
C VAL A 225 3.13 -9.82 26.32
N SER A 226 3.54 -10.16 25.10
CA SER A 226 3.89 -11.56 24.77
C SER A 226 5.37 -11.89 24.97
N GLU A 227 6.20 -10.86 25.04
CA GLU A 227 7.65 -11.00 25.09
C GLU A 227 8.12 -9.80 25.87
N PRO A 228 8.97 -10.00 26.87
CA PRO A 228 9.27 -8.87 27.75
C PRO A 228 10.03 -7.72 27.06
N LEU A 229 9.39 -6.55 27.00
CA LEU A 229 10.05 -5.32 26.59
C LEU A 229 11.23 -5.06 27.54
N ASP A 232 14.24 -3.42 33.95
CA ASP A 232 14.42 -2.01 33.65
C ASP A 232 13.89 -1.16 34.82
N GLU A 233 12.61 -0.76 34.74
CA GLU A 233 11.87 -0.22 35.90
C GLU A 233 11.59 -1.30 36.96
N GLY A 234 11.35 -2.53 36.51
CA GLY A 234 11.03 -3.65 37.40
C GLY A 234 10.79 -4.90 36.58
N ASP A 235 10.64 -6.04 37.25
CA ASP A 235 10.47 -7.31 36.58
C ASP A 235 9.08 -7.49 35.99
N TRP A 236 8.94 -8.42 35.04
CA TRP A 236 7.65 -8.81 34.49
C TRP A 236 7.04 -9.98 35.22
N THR A 237 5.71 -10.03 35.34
CA THR A 237 5.10 -11.20 35.98
C THR A 237 4.61 -12.13 34.88
N GLU A 238 4.98 -13.40 34.94
CA GLU A 238 4.58 -14.34 33.94
C GLU A 238 3.16 -14.82 34.22
N LEU A 239 2.25 -14.77 33.25
CA LEU A 239 0.91 -15.39 33.40
C LEU A 239 1.09 -16.87 33.04
N ARG A 240 0.85 -17.79 33.97
CA ARG A 240 1.09 -19.19 33.66
C ARG A 240 -0.06 -19.72 32.80
N PRO A 241 0.21 -20.81 32.06
CA PRO A 241 -0.83 -21.45 31.24
C PRO A 241 -2.07 -21.86 32.06
N GLY A 242 -3.26 -21.77 31.47
CA GLY A 242 -4.48 -22.15 32.19
C GLY A 242 -4.96 -21.05 33.13
N ARG A 243 -4.69 -19.81 32.73
CA ARG A 243 -5.03 -18.64 33.55
C ARG A 243 -5.48 -17.52 32.66
N MSE A 244 -6.33 -16.69 33.25
CA MSE A 244 -6.92 -15.55 32.60
C MSE A 244 -6.69 -14.39 33.53
O MSE A 244 -6.93 -14.49 34.74
CB MSE A 244 -8.42 -15.74 32.43
CG MSE A 244 -9.20 -14.43 32.19
SE MSE A 244 -10.73 -14.72 31.04
CE MSE A 244 -11.85 -13.25 31.64
N LEU A 245 -6.21 -13.29 32.97
CA LEU A 245 -5.93 -12.08 33.72
C LEU A 245 -6.99 -11.03 33.39
N THR A 246 -7.43 -10.31 34.42
CA THR A 246 -8.48 -9.31 34.32
C THR A 246 -7.95 -8.01 34.92
N ILE A 247 -7.79 -6.97 34.10
CA ILE A 247 -7.36 -5.67 34.61
C ILE A 247 -8.46 -4.66 34.43
N GLY A 248 -9.00 -4.18 35.54
CA GLY A 248 -10.03 -3.12 35.52
C GLY A 248 -9.88 -2.14 36.68
N ALA A 249 -11.02 -1.66 37.16
CA ALA A 249 -11.05 -0.56 38.12
C ALA A 249 -10.52 -0.97 39.50
N GLU A 250 -10.54 -2.26 39.80
CA GLU A 250 -10.01 -2.75 41.08
C GLU A 250 -8.71 -3.54 40.93
N GLY A 251 -7.85 -3.08 40.04
CA GLY A 251 -6.51 -3.66 39.86
C GLY A 251 -6.49 -4.83 38.92
N ALA A 252 -5.47 -5.68 39.07
CA ALA A 252 -5.27 -6.86 38.24
C ALA A 252 -5.57 -8.12 39.07
N ALA A 253 -6.25 -9.10 38.47
CA ALA A 253 -6.55 -10.35 39.19
C ALA A 253 -6.49 -11.51 38.21
N GLU A 254 -5.95 -12.63 38.69
CA GLU A 254 -5.84 -13.85 37.92
C GLU A 254 -6.86 -14.87 38.42
N ARG A 255 -7.29 -15.76 37.53
CA ARG A 255 -8.25 -16.79 37.91
C ARG A 255 -8.00 -17.98 36.99
N ASP A 256 -8.42 -19.18 37.38
CA ASP A 256 -8.14 -20.36 36.58
C ASP A 256 -8.96 -20.28 35.27
N PHE A 257 -8.39 -20.82 34.20
CA PHE A 257 -9.05 -20.79 32.90
C PHE A 257 -8.88 -22.10 32.18
N ALA A 258 -9.97 -22.76 31.89
CA ALA A 258 -9.91 -23.99 31.09
C ALA A 258 -11.16 -24.17 30.27
N PRO A 259 -11.00 -24.38 28.97
CA PRO A 259 -12.08 -24.64 28.02
C PRO A 259 -13.27 -25.43 28.61
N CYS B 4 21.45 -5.35 2.72
CA CYS B 4 20.87 -5.08 1.39
C CYS B 4 21.39 -6.07 0.36
N ARG B 5 21.09 -7.36 0.55
CA ARG B 5 21.50 -8.46 -0.36
C ARG B 5 20.89 -8.41 -1.77
N TRP B 6 21.69 -8.72 -2.79
CA TRP B 6 21.20 -8.71 -4.16
C TRP B 6 21.69 -9.86 -5.03
N ALA B 7 20.93 -10.12 -6.08
CA ALA B 7 21.30 -11.09 -7.10
C ALA B 7 21.00 -10.56 -8.51
N ALA B 8 21.86 -10.89 -9.46
CA ALA B 8 21.69 -10.47 -10.83
C ALA B 8 21.93 -11.66 -11.74
N TYR B 9 21.26 -11.66 -12.90
CA TYR B 9 21.32 -12.79 -13.79
C TYR B 9 21.48 -12.32 -15.24
N HIS B 10 22.25 -13.07 -16.01
CA HIS B 10 22.46 -12.77 -17.43
C HIS B 10 22.64 -14.08 -18.19
N GLY B 11 21.71 -14.41 -19.11
CA GLY B 11 21.79 -15.68 -19.90
C GLY B 11 20.44 -16.05 -20.50
N THR B 12 20.20 -17.35 -20.65
CA THR B 12 18.92 -17.85 -21.17
C THR B 12 17.77 -17.58 -20.21
N PRO B 13 16.69 -16.97 -20.73
CA PRO B 13 15.60 -16.49 -19.87
C PRO B 13 15.11 -17.54 -18.87
N ILE B 14 14.93 -17.12 -17.63
CA ILE B 14 14.35 -17.93 -16.57
C ILE B 14 13.22 -17.14 -15.90
N PHE B 15 12.38 -17.83 -15.11
CA PHE B 15 11.45 -17.11 -14.25
C PHE B 15 12.29 -16.33 -13.25
N LEU B 16 11.88 -15.11 -12.93
CA LEU B 16 12.63 -14.31 -11.94
C LEU B 16 12.80 -15.06 -10.59
N GLU B 17 11.77 -15.83 -10.20
CA GLU B 17 11.76 -16.53 -8.91
C GLU B 17 12.88 -17.55 -8.80
N ASP B 18 13.42 -17.96 -9.96
CA ASP B 18 14.50 -18.94 -10.00
C ASP B 18 15.88 -18.39 -9.62
N VAL B 19 15.95 -17.08 -9.38
CA VAL B 19 17.09 -16.49 -8.70
C VAL B 19 16.64 -15.32 -7.81
N ILE B 20 15.43 -15.45 -7.23
CA ILE B 20 14.95 -14.48 -6.25
C ILE B 20 14.44 -15.15 -4.97
N GLY B 45 12.25 -3.76 2.54
CA GLY B 45 11.86 -3.42 1.16
C GLY B 45 12.45 -4.34 0.09
N PHE B 46 11.95 -4.20 -1.14
CA PHE B 46 12.35 -5.07 -2.25
C PHE B 46 12.28 -4.41 -3.63
N GLY B 47 13.00 -4.99 -4.61
CA GLY B 47 12.88 -4.58 -6.00
C GLY B 47 13.45 -5.55 -7.04
N VAL B 48 12.93 -5.47 -8.24
CA VAL B 48 13.55 -6.16 -9.37
C VAL B 48 13.45 -5.31 -10.65
N ALA B 49 14.54 -5.23 -11.40
CA ALA B 49 14.55 -4.60 -12.70
C ALA B 49 14.81 -5.72 -13.69
N TRP B 50 14.01 -5.82 -14.76
CA TRP B 50 14.21 -6.93 -15.74
C TRP B 50 14.04 -6.47 -17.19
N TYR B 51 14.77 -7.11 -18.10
CA TYR B 51 14.59 -6.78 -19.51
C TYR B 51 13.88 -7.95 -20.20
N ASP B 52 12.83 -7.64 -20.93
CA ASP B 52 12.12 -8.68 -21.67
C ASP B 52 11.97 -8.17 -23.10
N ALA B 53 11.01 -7.28 -23.35
CA ALA B 53 10.69 -7.02 -24.76
C ALA B 53 11.00 -5.58 -25.15
N ARG B 54 11.47 -4.80 -24.20
CA ARG B 54 11.73 -3.41 -24.46
C ARG B 54 13.24 -3.10 -24.21
N PRO B 55 13.77 -2.06 -24.87
CA PRO B 55 15.15 -1.65 -24.56
C PRO B 55 15.28 -1.08 -23.14
N GLU B 56 14.17 -0.62 -22.57
CA GLU B 56 14.15 -0.17 -21.17
C GLU B 56 13.76 -1.31 -20.24
N PRO B 57 14.21 -1.27 -18.98
CA PRO B 57 13.85 -2.36 -18.10
C PRO B 57 12.48 -2.22 -17.43
N GLY B 58 11.85 -3.35 -17.12
CA GLY B 58 10.73 -3.31 -16.18
C GLY B 58 11.22 -3.06 -14.76
N LEU B 59 10.48 -2.30 -13.96
CA LEU B 59 10.93 -2.06 -12.58
C LEU B 59 9.78 -2.31 -11.64
N TYR B 60 9.96 -3.20 -10.66
CA TYR B 60 8.95 -3.47 -9.64
C TYR B 60 9.60 -3.23 -8.30
N ARG B 61 9.03 -2.37 -7.46
CA ARG B 61 9.64 -2.17 -6.15
C ARG B 61 8.66 -1.69 -5.12
N ASP B 62 8.71 -2.32 -3.95
CA ASP B 62 7.88 -1.87 -2.84
C ASP B 62 8.57 -2.03 -1.50
N VAL B 63 7.94 -1.46 -0.47
CA VAL B 63 8.55 -1.27 0.86
C VAL B 63 7.95 -2.30 1.79
N TYR B 64 7.96 -3.54 1.31
CA TYR B 64 6.99 -4.53 1.70
C TYR B 64 7.68 -5.89 1.66
N PRO B 65 7.83 -6.52 2.85
CA PRO B 65 8.45 -7.84 2.95
C PRO B 65 8.22 -8.69 1.68
N ALA B 66 9.28 -8.75 0.86
CA ALA B 66 9.30 -9.61 -0.34
C ALA B 66 8.66 -10.95 -0.02
N TRP B 67 9.16 -11.60 1.03
CA TRP B 67 8.63 -12.86 1.48
C TRP B 67 7.17 -12.93 1.08
N SER B 68 6.39 -11.96 1.53
CA SER B 68 4.95 -12.08 1.36
C SER B 68 4.20 -10.91 0.73
N ASP B 69 4.66 -10.45 -0.44
CA ASP B 69 3.84 -9.60 -1.33
C ASP B 69 3.20 -10.54 -2.38
N PRO B 70 1.86 -10.68 -2.39
CA PRO B 70 1.25 -11.59 -3.40
C PRO B 70 1.47 -11.16 -4.87
N ASN B 71 1.49 -9.86 -5.12
CA ASN B 71 1.72 -9.32 -6.46
C ASN B 71 3.16 -9.55 -6.96
N LEU B 72 4.11 -9.40 -6.05
CA LEU B 72 5.49 -9.75 -6.33
C LEU B 72 5.60 -11.22 -6.64
N ARG B 73 4.93 -12.02 -5.81
CA ARG B 73 4.89 -13.47 -5.96
C ARG B 73 4.36 -13.89 -7.32
N ALA B 74 3.35 -13.17 -7.81
CA ALA B 74 2.80 -13.42 -9.15
C ALA B 74 3.81 -13.02 -10.24
N VAL B 75 4.30 -11.79 -10.17
CA VAL B 75 5.27 -11.35 -11.13
C VAL B 75 6.50 -12.28 -11.22
N ALA B 76 7.17 -12.58 -10.10
CA ALA B 76 8.35 -13.48 -10.16
C ALA B 76 8.02 -14.88 -10.64
N HIS B 77 6.80 -15.35 -10.31
CA HIS B 77 6.35 -16.68 -10.70
C HIS B 77 6.02 -16.74 -12.20
N HIS B 78 5.68 -15.61 -12.81
CA HIS B 78 5.13 -15.61 -14.19
C HIS B 78 5.96 -14.88 -15.26
N VAL B 79 6.83 -13.96 -14.85
CA VAL B 79 7.65 -13.22 -15.80
C VAL B 79 8.99 -13.93 -15.98
N ARG B 80 9.38 -14.07 -17.25
CA ARG B 80 10.64 -14.69 -17.63
C ARG B 80 11.60 -13.64 -18.20
N SER B 81 12.88 -13.70 -17.87
CA SER B 81 13.86 -12.73 -18.38
C SER B 81 15.27 -13.30 -18.43
N GLY B 82 16.06 -12.83 -19.40
CA GLY B 82 17.44 -13.26 -19.58
C GLY B 82 18.42 -12.22 -19.06
N LEU B 83 17.92 -11.16 -18.41
CA LEU B 83 18.82 -10.22 -17.77
C LEU B 83 18.04 -9.39 -16.77
N PHE B 84 18.29 -9.64 -15.48
CA PHE B 84 17.57 -8.91 -14.46
C PHE B 84 18.43 -8.69 -13.21
N LEU B 85 18.02 -7.74 -12.38
CA LEU B 85 18.70 -7.38 -11.14
C LEU B 85 17.64 -7.36 -10.04
N SER B 86 17.91 -7.98 -8.90
CA SER B 86 16.96 -7.87 -7.80
C SER B 86 17.66 -7.67 -6.48
N HIS B 87 17.04 -6.87 -5.62
CA HIS B 87 17.70 -6.25 -4.45
C HIS B 87 16.86 -6.54 -3.22
N VAL B 88 17.53 -6.95 -2.15
CA VAL B 88 16.95 -7.54 -0.92
C VAL B 88 16.04 -8.75 -1.12
N ASN B 99 10.88 4.73 -4.10
CA ASN B 99 11.80 5.80 -4.51
C ASN B 99 13.14 5.71 -3.76
N ASN B 100 13.14 4.98 -2.66
CA ASN B 100 14.37 4.68 -1.93
C ASN B 100 14.75 3.18 -2.05
N CYS B 101 13.96 2.41 -2.80
CA CYS B 101 14.23 0.99 -3.05
C CYS B 101 15.03 0.85 -4.33
N HIS B 102 15.96 -0.10 -4.39
CA HIS B 102 16.67 -0.37 -5.62
C HIS B 102 15.94 -1.54 -6.29
N PRO B 103 16.25 -1.82 -7.55
CA PRO B 103 17.13 -1.04 -8.40
C PRO B 103 16.52 0.34 -8.74
N PHE B 104 17.34 1.18 -9.36
CA PHE B 104 16.95 2.40 -10.03
C PHE B 104 17.06 2.17 -11.54
N ALA B 105 16.30 2.92 -12.32
CA ALA B 105 16.36 2.78 -13.78
C ALA B 105 16.31 4.13 -14.42
N ALA B 106 17.02 4.29 -15.53
CA ALA B 106 16.86 5.53 -16.31
C ALA B 106 17.26 5.21 -17.72
N ARG B 107 16.38 5.55 -18.67
CA ARG B 107 16.54 5.17 -20.06
C ARG B 107 16.78 3.66 -20.15
N ARG B 108 17.82 3.24 -20.86
CA ARG B 108 18.13 1.82 -20.99
C ARG B 108 18.87 1.15 -19.82
N TRP B 109 19.27 1.95 -18.82
CA TRP B 109 20.12 1.50 -17.70
C TRP B 109 19.40 1.23 -16.40
N CYS B 110 19.88 0.22 -15.68
CA CYS B 110 19.41 0.07 -14.30
C CYS B 110 20.62 -0.18 -13.42
N PHE B 111 20.42 0.05 -12.14
CA PHE B 111 21.54 0.09 -11.21
C PHE B 111 21.09 -0.32 -9.82
N MSE B 112 21.97 -1.06 -9.14
CA MSE B 112 21.65 -1.49 -7.80
C MSE B 112 22.91 -1.51 -6.91
O MSE B 112 23.98 -1.86 -7.37
CB MSE B 112 21.04 -2.86 -7.97
CG MSE B 112 20.83 -3.60 -6.77
SE MSE B 112 20.02 -5.24 -7.38
CE MSE B 112 21.42 -6.18 -8.30
N HIS B 113 22.77 -1.14 -5.63
CA HIS B 113 23.97 -0.82 -4.81
C HIS B 113 23.83 -1.33 -3.37
N ASN B 114 24.84 -2.07 -2.94
CA ASN B 114 24.93 -2.39 -1.54
C ASN B 114 26.10 -1.61 -0.91
N GLY B 115 25.83 -0.91 0.18
CA GLY B 115 26.88 -0.15 0.85
C GLY B 115 26.38 1.20 1.30
N GLN B 116 27.25 2.20 1.30
CA GLN B 116 26.88 3.49 1.86
C GLN B 116 27.94 4.54 1.54
N VAL B 117 27.50 5.78 1.55
CA VAL B 117 28.36 6.91 1.49
C VAL B 117 28.25 7.52 2.90
N GLY B 118 29.33 7.47 3.68
CA GLY B 118 29.25 7.93 5.08
C GLY B 118 28.81 9.37 5.31
N GLY B 119 27.84 9.55 6.22
CA GLY B 119 27.33 10.89 6.61
C GLY B 119 26.58 11.62 5.48
N PHE B 120 26.04 10.83 4.53
CA PHE B 120 25.42 11.40 3.31
C PHE B 120 24.44 12.50 3.62
N GLU B 121 23.57 12.25 4.61
CA GLU B 121 22.51 13.21 4.98
C GLU B 121 23.07 14.59 5.21
N ALA B 122 24.24 14.68 5.83
CA ALA B 122 24.81 15.99 6.15
C ALA B 122 25.20 16.80 4.89
N PHE B 123 25.39 16.15 3.75
CA PHE B 123 25.71 16.92 2.53
C PHE B 123 24.88 16.54 1.30
N ARG B 124 23.64 16.06 1.49
CA ARG B 124 22.82 15.66 0.37
C ARG B 124 22.66 16.77 -0.70
N LYS B 125 22.50 18.01 -0.28
CA LYS B 125 22.37 19.12 -1.21
C LYS B 125 23.54 19.22 -2.18
N GLN B 126 24.75 19.19 -1.65
CA GLN B 126 25.95 19.22 -2.48
C GLN B 126 26.01 18.01 -3.42
N ALA B 127 25.56 16.88 -2.94
CA ALA B 127 25.55 15.71 -3.78
C ALA B 127 24.52 15.84 -4.90
N ASP B 128 23.32 16.36 -4.60
CA ASP B 128 22.31 16.49 -5.66
C ASP B 128 22.81 17.50 -6.71
N MSE B 129 23.53 18.52 -6.24
CA MSE B 129 24.00 19.63 -7.08
C MSE B 129 24.95 19.14 -8.17
O MSE B 129 25.09 19.78 -9.20
CB MSE B 129 24.69 20.67 -6.22
CG MSE B 129 25.22 21.92 -6.94
SE MSE B 129 26.46 22.95 -5.78
CE MSE B 129 27.75 21.54 -5.31
N ALA B 130 25.61 18.00 -7.94
CA ALA B 130 26.59 17.50 -8.90
C ALA B 130 25.95 16.73 -10.00
N ILE B 131 24.65 16.44 -9.87
CA ILE B 131 23.99 15.71 -10.93
C ILE B 131 23.76 16.67 -12.11
N ALA B 132 24.15 16.27 -13.33
CA ALA B 132 23.93 17.14 -14.52
C ALA B 132 22.46 17.39 -14.75
N ASP B 133 22.13 18.56 -15.32
CA ASP B 133 20.73 18.94 -15.63
C ASP B 133 19.95 17.87 -16.41
N GLU B 134 20.63 17.25 -17.37
CA GLU B 134 20.04 16.21 -18.21
C GLU B 134 19.45 15.07 -17.36
N PHE B 135 20.09 14.75 -16.23
CA PHE B 135 19.71 13.56 -15.47
C PHE B 135 18.95 13.84 -14.18
N TYR B 136 18.83 15.12 -13.82
CA TYR B 136 18.24 15.45 -12.53
C TYR B 136 16.76 15.03 -12.52
N THR B 137 16.12 15.11 -13.68
CA THR B 137 14.72 14.70 -13.77
C THR B 137 14.50 13.27 -13.23
N TYR B 138 15.52 12.42 -13.33
CA TYR B 138 15.41 11.05 -12.83
C TYR B 138 15.57 10.89 -11.30
N ARG B 139 15.94 11.98 -10.58
CA ARG B 139 16.20 12.00 -9.13
C ARG B 139 14.88 12.10 -8.40
N LYS B 140 14.39 10.96 -7.94
CA LYS B 140 13.05 10.91 -7.41
C LYS B 140 13.00 10.80 -5.89
N GLY B 141 14.01 10.19 -5.29
CA GLY B 141 14.03 10.07 -3.82
C GLY B 141 15.26 10.73 -3.22
N SER B 142 15.73 10.22 -2.09
CA SER B 142 16.81 10.93 -1.43
C SER B 142 18.00 10.05 -1.03
N THR B 143 18.15 8.88 -1.63
CA THR B 143 19.20 7.98 -1.21
C THR B 143 20.54 8.39 -1.83
N ASP B 144 21.63 7.90 -1.24
CA ASP B 144 22.95 8.06 -1.80
C ASP B 144 23.12 7.19 -3.04
N SER B 145 22.49 6.02 -3.01
CA SER B 145 22.57 5.06 -4.14
C SER B 145 22.06 5.62 -5.46
N GLU B 146 20.91 6.29 -5.39
CA GLU B 146 20.32 6.89 -6.57
C GLU B 146 21.25 8.02 -7.06
N VAL B 147 21.83 8.77 -6.12
CA VAL B 147 22.74 9.83 -6.55
C VAL B 147 23.94 9.23 -7.25
N LEU B 148 24.45 8.12 -6.73
CA LEU B 148 25.58 7.51 -7.42
C LEU B 148 25.25 7.12 -8.85
N PHE B 149 24.11 6.47 -9.04
CA PHE B 149 23.65 6.06 -10.39
C PHE B 149 23.57 7.24 -11.36
N LEU B 150 22.92 8.30 -10.90
CA LEU B 150 22.68 9.44 -11.77
C LEU B 150 23.94 10.27 -11.96
N LEU B 151 24.82 10.29 -10.94
CA LEU B 151 26.10 10.95 -11.10
C LEU B 151 26.90 10.16 -12.13
N ALA B 152 26.80 8.83 -12.07
CA ALA B 152 27.51 7.98 -13.02
C ALA B 152 27.01 8.28 -14.46
N LEU B 153 25.70 8.40 -14.62
CA LEU B 153 25.12 8.79 -15.94
C LEU B 153 25.65 10.18 -16.35
N SER B 154 25.71 11.11 -15.38
CA SER B 154 26.24 12.47 -15.60
C SER B 154 27.72 12.45 -16.05
N GLU B 155 28.42 11.40 -15.67
CA GLU B 155 29.85 11.25 -15.96
C GLU B 155 30.08 10.45 -17.25
N GLY B 156 29.00 10.10 -17.94
CA GLY B 156 29.09 9.35 -19.19
C GLY B 156 28.95 7.84 -19.15
N LEU B 157 28.24 7.31 -18.16
CA LEU B 157 27.94 5.88 -18.08
C LEU B 157 27.48 5.28 -19.41
N GLU B 158 26.62 5.98 -20.15
CA GLU B 158 26.10 5.45 -21.41
C GLU B 158 27.18 5.02 -22.39
N HIS B 159 28.31 5.73 -22.43
CA HIS B 159 29.36 5.36 -23.39
C HIS B 159 30.59 4.73 -22.73
N ASP B 160 30.85 5.06 -21.46
CA ASP B 160 32.07 4.63 -20.75
C ASP B 160 31.74 4.23 -19.30
N PRO B 161 31.16 3.04 -19.12
CA PRO B 161 30.64 2.57 -17.84
C PRO B 161 31.74 2.50 -16.78
N HIS B 162 32.89 1.96 -17.14
CA HIS B 162 34.01 1.85 -16.20
C HIS B 162 34.45 3.21 -15.63
N GLY B 163 34.83 4.14 -16.50
CA GLY B 163 35.34 5.45 -16.08
C GLY B 163 34.29 6.35 -15.43
N ALA B 164 33.05 6.30 -15.89
CA ALA B 164 31.99 7.11 -15.29
C ALA B 164 31.65 6.66 -13.85
N LEU B 165 31.55 5.36 -13.61
CA LEU B 165 31.25 4.92 -12.26
C LEU B 165 32.45 5.30 -11.34
N ALA B 166 33.67 5.11 -11.85
CA ALA B 166 34.89 5.52 -11.14
C ALA B 166 34.86 6.99 -10.74
N ARG B 167 34.54 7.85 -11.69
CA ARG B 167 34.49 9.29 -11.46
C ARG B 167 33.35 9.66 -10.50
N ALA B 168 32.21 9.02 -10.67
CA ALA B 168 31.09 9.26 -9.73
C ALA B 168 31.44 8.85 -8.29
N ILE B 169 32.05 7.68 -8.14
CA ILE B 169 32.44 7.22 -6.79
C ILE B 169 33.45 8.18 -6.14
N ALA B 170 34.38 8.71 -6.94
CA ALA B 170 35.43 9.57 -6.38
C ALA B 170 34.83 10.89 -5.93
N ARG B 171 33.85 11.38 -6.69
CA ARG B 171 33.24 12.63 -6.30
C ARG B 171 32.49 12.50 -4.97
N LEU B 172 31.76 11.39 -4.85
CA LEU B 172 30.96 11.16 -3.65
C LEU B 172 31.85 10.80 -2.46
N GLU B 173 32.89 10.03 -2.72
CA GLU B 173 33.84 9.73 -1.63
C GLU B 173 34.48 11.03 -1.13
N GLY B 174 34.87 11.90 -2.07
CA GLY B 174 35.52 13.17 -1.67
C GLY B 174 34.56 14.09 -0.90
N LEU B 175 33.28 14.07 -1.25
CA LEU B 175 32.29 14.85 -0.50
C LEU B 175 32.14 14.29 0.91
N SER B 176 32.13 12.96 1.03
CA SER B 176 32.08 12.32 2.37
C SER B 176 33.32 12.68 3.22
N ARG B 177 34.52 12.58 2.63
CA ARG B 177 35.75 13.00 3.34
C ARG B 177 35.59 14.39 3.93
N ALA B 178 35.07 15.31 3.13
CA ALA B 178 35.03 16.71 3.48
C ALA B 178 33.94 17.00 4.48
N HIS B 179 32.77 16.39 4.31
CA HIS B 179 31.57 16.83 5.03
C HIS B 179 30.93 15.70 5.79
N GLY B 180 31.37 14.48 5.56
CA GLY B 180 30.63 13.36 6.09
C GLY B 180 31.29 12.65 7.27
N THR B 181 31.08 11.35 7.34
CA THR B 181 31.79 10.54 8.31
C THR B 181 32.16 9.24 7.63
N THR B 182 32.94 8.46 8.36
CA THR B 182 33.54 7.24 7.94
C THR B 182 32.44 6.17 8.03
N PRO B 183 32.49 5.08 7.22
CA PRO B 183 33.24 4.88 5.98
C PRO B 183 32.78 5.84 4.87
N HIS B 184 33.74 6.43 4.16
CA HIS B 184 33.40 7.40 3.14
C HIS B 184 32.77 6.73 1.91
N MSE B 185 33.21 5.52 1.56
CA MSE B 185 32.59 4.79 0.46
C MSE B 185 32.62 3.27 0.61
O MSE B 185 33.69 2.66 0.65
CB MSE B 185 33.25 5.14 -0.87
CG MSE B 185 32.73 4.36 -2.07
SE MSE B 185 30.87 4.86 -2.57
CE MSE B 185 31.11 6.79 -2.77
N ARG B 186 31.43 2.65 0.65
CA ARG B 186 31.33 1.17 0.66
C ARG B 186 30.40 0.81 -0.48
N LEU B 187 30.84 -0.07 -1.39
CA LEU B 187 30.05 -0.32 -2.57
C LEU B 187 30.27 -1.68 -3.14
N SER B 188 29.17 -2.38 -3.34
CA SER B 188 29.12 -3.38 -4.39
C SER B 188 27.87 -2.99 -5.18
N ALA B 189 28.00 -2.99 -6.49
CA ALA B 189 26.93 -2.48 -7.35
C ALA B 189 26.75 -3.47 -8.50
N ALA B 190 25.52 -3.65 -8.94
CA ALA B 190 25.24 -4.36 -10.21
C ALA B 190 24.46 -3.40 -11.09
N PHE B 191 24.78 -3.40 -12.37
CA PHE B 191 24.12 -2.50 -13.27
C PHE B 191 24.18 -2.99 -14.71
N SER B 192 23.25 -2.51 -15.53
CA SER B 192 23.14 -3.03 -16.90
C SER B 192 22.48 -2.09 -17.86
N ASP B 193 22.75 -2.31 -19.16
CA ASP B 193 22.15 -1.55 -20.23
C ASP B 193 21.18 -2.38 -21.06
N GLY B 194 20.79 -3.56 -20.59
CA GLY B 194 19.88 -4.38 -21.41
C GLY B 194 20.61 -5.44 -22.22
N GLN B 195 21.91 -5.27 -22.41
CA GLN B 195 22.71 -6.25 -23.18
C GLN B 195 23.82 -6.83 -22.30
N THR B 196 24.37 -5.96 -21.46
CA THR B 196 25.56 -6.33 -20.69
C THR B 196 25.27 -6.18 -19.23
N LEU B 197 25.74 -7.15 -18.46
CA LEU B 197 25.66 -7.04 -17.00
C LEU B 197 27.02 -6.69 -16.41
N TYR B 198 27.05 -5.65 -15.59
CA TYR B 198 28.28 -5.22 -14.90
C TYR B 198 28.11 -5.30 -13.40
N ALA B 199 29.19 -5.60 -12.69
CA ALA B 199 29.18 -5.48 -11.25
C ALA B 199 30.55 -4.96 -10.81
N ALA B 200 30.56 -4.20 -9.72
CA ALA B 200 31.79 -3.61 -9.19
C ALA B 200 31.80 -3.67 -7.67
N ARG B 201 33.01 -3.69 -7.13
CA ARG B 201 33.20 -3.79 -5.70
C ARG B 201 34.37 -2.90 -5.35
N TYR B 202 34.09 -1.91 -4.51
CA TYR B 202 35.11 -1.00 -4.03
C TYR B 202 34.79 -0.52 -2.60
N SER B 203 35.81 -0.21 -1.82
CA SER B 203 35.64 0.42 -0.51
C SER B 203 36.79 1.35 -0.20
N SER B 204 36.51 2.51 0.39
CA SER B 204 37.57 3.35 0.99
C SER B 204 38.25 2.77 2.26
N ASP B 205 37.77 1.63 2.78
CA ASP B 205 38.45 1.00 3.91
C ASP B 205 38.58 -0.49 3.71
N HIS B 206 38.89 -1.24 4.75
CA HIS B 206 39.16 -2.67 4.60
C HIS B 206 37.91 -3.54 4.52
N ILE B 207 36.73 -2.94 4.68
CA ILE B 207 35.49 -3.73 4.58
C ILE B 207 34.74 -3.36 3.29
N ALA B 208 34.46 -4.35 2.47
CA ALA B 208 33.75 -4.15 1.20
C ALA B 208 32.63 -5.19 1.09
N PRO B 209 31.39 -4.75 0.85
CA PRO B 209 30.31 -5.72 0.73
C PRO B 209 30.73 -6.74 -0.31
N SER B 210 30.46 -8.00 -0.03
CA SER B 210 30.98 -9.08 -0.80
C SER B 210 30.26 -9.19 -2.14
N VAL B 211 30.96 -9.74 -3.11
CA VAL B 211 30.40 -10.02 -4.44
C VAL B 211 30.95 -11.37 -4.92
N TYR B 212 30.06 -12.25 -5.40
CA TYR B 212 30.46 -13.57 -5.94
C TYR B 212 29.73 -13.84 -7.23
N TYR B 213 30.32 -14.69 -8.09
CA TYR B 213 29.71 -15.01 -9.38
C TYR B 213 30.09 -16.41 -9.89
N ARG B 214 29.29 -16.94 -10.82
CA ARG B 214 29.55 -18.24 -11.46
C ARG B 214 28.59 -18.49 -12.61
N TYR B 215 28.94 -19.48 -13.43
CA TYR B 215 28.06 -19.88 -14.53
C TYR B 215 27.12 -20.97 -14.05
N SER B 216 25.82 -20.76 -14.15
CA SER B 216 24.85 -21.82 -13.79
C SER B 216 24.54 -22.74 -14.98
N HIS B 217 25.15 -23.92 -15.04
CA HIS B 217 24.90 -24.80 -16.21
C HIS B 217 23.44 -25.22 -16.32
N ALA B 218 22.79 -25.40 -15.17
CA ALA B 218 21.37 -25.73 -15.13
C ALA B 218 20.51 -24.63 -15.81
N ARG B 219 20.69 -23.38 -15.39
CA ARG B 219 19.93 -22.27 -15.99
C ARG B 219 20.46 -21.86 -17.37
N GLN B 220 21.74 -22.14 -17.62
CA GLN B 220 22.44 -21.64 -18.81
C GLN B 220 22.54 -20.11 -18.76
N GLY B 221 23.20 -19.60 -17.74
CA GLY B 221 23.42 -18.17 -17.57
C GLY B 221 24.30 -17.92 -16.35
N TRP B 222 24.78 -16.68 -16.22
CA TRP B 222 25.61 -16.26 -15.10
C TRP B 222 24.77 -15.71 -13.94
N ALA B 223 25.19 -16.04 -12.72
CA ALA B 223 24.62 -15.43 -11.53
C ALA B 223 25.70 -14.63 -10.85
N VAL B 224 25.32 -13.45 -10.37
CA VAL B 224 26.22 -12.56 -9.65
C VAL B 224 25.47 -12.18 -8.38
N VAL B 225 26.09 -12.38 -7.22
CA VAL B 225 25.39 -12.17 -5.94
C VAL B 225 26.27 -11.42 -4.93
N SER B 226 25.59 -10.83 -3.94
CA SER B 226 26.16 -10.09 -2.83
C SER B 226 26.41 -10.91 -1.59
N GLU B 227 26.39 -12.24 -1.70
CA GLU B 227 26.33 -13.04 -0.50
C GLU B 227 26.16 -14.48 -0.88
N TRP B 236 31.70 -20.80 -6.34
CA TRP B 236 31.56 -19.38 -6.70
C TRP B 236 32.94 -18.74 -6.83
N THR B 237 33.07 -17.77 -7.72
CA THR B 237 34.30 -17.00 -7.78
C THR B 237 34.06 -15.70 -7.02
N GLU B 238 35.02 -15.33 -6.19
CA GLU B 238 34.96 -14.08 -5.49
C GLU B 238 35.40 -12.98 -6.45
N LEU B 239 34.60 -11.92 -6.50
CA LEU B 239 35.09 -10.68 -7.07
C LEU B 239 35.78 -9.91 -5.94
N ARG B 240 37.09 -9.84 -5.99
CA ARG B 240 37.85 -9.13 -4.95
C ARG B 240 37.55 -7.64 -5.00
N PRO B 241 37.76 -6.95 -3.87
CA PRO B 241 37.64 -5.49 -3.81
C PRO B 241 38.50 -4.83 -4.88
N GLY B 242 38.13 -3.65 -5.35
CA GLY B 242 38.90 -2.94 -6.38
C GLY B 242 38.78 -3.54 -7.77
N ARG B 243 37.65 -4.16 -8.05
CA ARG B 243 37.47 -4.84 -9.33
C ARG B 243 36.11 -4.62 -9.93
N MSE B 244 36.09 -4.57 -11.24
CA MSE B 244 34.86 -4.53 -12.00
C MSE B 244 34.72 -5.74 -12.89
O MSE B 244 35.69 -6.18 -13.53
CB MSE B 244 34.78 -3.26 -12.83
CG MSE B 244 33.47 -3.15 -13.60
SE MSE B 244 33.15 -1.33 -14.10
CE MSE B 244 32.17 -0.66 -12.58
N LEU B 245 33.52 -6.28 -12.93
CA LEU B 245 33.20 -7.46 -13.70
C LEU B 245 32.29 -7.11 -14.85
N THR B 246 32.49 -7.79 -15.98
CA THR B 246 31.73 -7.50 -17.19
C THR B 246 31.18 -8.77 -17.83
N ILE B 247 29.86 -8.92 -17.86
CA ILE B 247 29.27 -10.10 -18.46
C ILE B 247 28.42 -9.77 -19.70
N GLY B 248 28.80 -10.32 -20.85
CA GLY B 248 28.03 -10.14 -22.08
C GLY B 248 28.12 -11.31 -23.02
N ALA B 249 27.76 -11.07 -24.28
CA ALA B 249 27.83 -12.09 -25.28
C ALA B 249 29.22 -12.72 -25.38
N GLU B 250 30.24 -12.07 -24.82
CA GLU B 250 31.61 -12.59 -24.96
C GLU B 250 32.06 -13.42 -23.75
N GLY B 251 31.32 -13.31 -22.65
CA GLY B 251 31.62 -14.06 -21.43
C GLY B 251 31.76 -13.13 -20.24
N ALA B 252 32.46 -13.61 -19.21
CA ALA B 252 32.80 -12.85 -18.02
C ALA B 252 34.25 -12.41 -18.10
N ALA B 253 34.51 -11.15 -17.73
CA ALA B 253 35.88 -10.66 -17.63
C ALA B 253 36.00 -9.67 -16.47
N GLU B 254 37.13 -9.74 -15.78
CA GLU B 254 37.42 -8.88 -14.64
C GLU B 254 38.48 -7.86 -14.99
N ARG B 255 38.44 -6.72 -14.30
CA ARG B 255 39.37 -5.66 -14.59
C ARG B 255 39.51 -4.74 -13.36
N ASP B 256 40.69 -4.15 -13.19
CA ASP B 256 40.97 -3.27 -12.04
C ASP B 256 40.07 -2.03 -12.03
N PHE B 257 39.77 -1.54 -10.84
CA PHE B 257 38.75 -0.49 -10.69
C PHE B 257 39.13 0.38 -9.51
N ALA B 258 39.57 1.60 -9.81
CA ALA B 258 40.26 2.47 -8.84
C ALA B 258 39.78 3.93 -8.87
N PRO B 259 38.63 4.18 -8.27
CA PRO B 259 38.03 5.53 -8.34
C PRO B 259 39.04 6.67 -8.17
N CYS C 4 -5.93 19.37 -5.13
CA CYS C 4 -6.82 20.25 -5.98
C CYS C 4 -8.17 20.60 -5.27
N ARG C 5 -8.37 20.01 -4.11
CA ARG C 5 -9.44 20.40 -3.17
C ARG C 5 -8.86 20.32 -1.74
N TRP C 6 -9.07 21.35 -0.93
CA TRP C 6 -8.57 21.32 0.46
C TRP C 6 -9.50 22.05 1.44
N ALA C 7 -9.34 21.72 2.73
CA ALA C 7 -10.17 22.21 3.84
C ALA C 7 -9.26 22.30 5.06
N ALA C 8 -9.38 23.42 5.76
CA ALA C 8 -8.56 23.73 6.92
C ALA C 8 -9.51 24.23 8.02
N TYR C 9 -9.19 23.93 9.28
CA TYR C 9 -10.10 24.27 10.39
C TYR C 9 -9.32 24.87 11.53
N HIS C 10 -9.91 25.88 12.19
CA HIS C 10 -9.30 26.47 13.38
C HIS C 10 -10.38 26.88 14.38
N GLY C 11 -10.43 26.20 15.53
CA GLY C 11 -11.45 26.51 16.56
C GLY C 11 -11.48 25.46 17.66
N THR C 12 -12.62 25.32 18.32
CA THR C 12 -12.69 24.30 19.35
C THR C 12 -12.56 22.89 18.71
N PRO C 13 -11.87 21.97 19.37
CA PRO C 13 -11.61 20.71 18.65
C PRO C 13 -12.87 19.95 18.16
N ILE C 14 -12.72 19.30 17.00
CA ILE C 14 -13.77 18.47 16.40
C ILE C 14 -13.09 17.23 15.84
N PHE C 15 -13.86 16.16 15.62
CA PHE C 15 -13.32 14.99 14.92
C PHE C 15 -12.90 15.45 13.52
N LEU C 16 -11.79 14.92 13.00
CA LEU C 16 -11.29 15.38 11.69
C LEU C 16 -12.37 15.16 10.63
N GLU C 17 -13.15 14.10 10.77
CA GLU C 17 -14.17 13.77 9.77
C GLU C 17 -15.30 14.81 9.66
N ASP C 18 -15.46 15.64 10.69
CA ASP C 18 -16.53 16.62 10.69
C ASP C 18 -16.18 17.76 9.71
N VAL C 19 -15.05 17.60 9.06
CA VAL C 19 -14.64 18.48 7.97
C VAL C 19 -14.18 17.62 6.78
N ILE C 20 -13.26 16.68 7.01
CA ILE C 20 -12.68 15.82 5.97
C ILE C 20 -13.69 15.33 4.92
N ASP C 44 -6.90 8.34 -6.26
CA ASP C 44 -6.59 9.76 -6.31
C ASP C 44 -5.37 10.08 -5.43
N GLY C 45 -5.57 10.77 -4.30
CA GLY C 45 -4.47 11.12 -3.39
C GLY C 45 -4.97 11.92 -2.19
N PHE C 46 -4.35 11.75 -1.02
CA PHE C 46 -4.87 12.38 0.21
C PHE C 46 -3.88 12.58 1.39
N GLY C 47 -4.18 13.56 2.25
CA GLY C 47 -3.40 13.78 3.47
C GLY C 47 -4.07 14.70 4.46
N VAL C 48 -3.72 14.54 5.74
CA VAL C 48 -4.20 15.46 6.77
C VAL C 48 -3.05 15.76 7.72
N ALA C 49 -2.91 17.02 8.11
CA ALA C 49 -1.97 17.37 9.13
C ALA C 49 -2.82 17.98 10.25
N TRP C 50 -2.59 17.53 11.48
CA TRP C 50 -3.42 17.99 12.62
C TRP C 50 -2.57 18.31 13.83
N TYR C 51 -3.00 19.28 14.62
CA TYR C 51 -2.36 19.51 15.93
C TYR C 51 -3.20 18.99 17.09
N ASP C 52 -2.52 18.40 18.06
CA ASP C 52 -3.19 17.87 19.25
C ASP C 52 -2.28 18.09 20.46
N ALA C 53 -1.36 17.18 20.70
CA ALA C 53 -0.68 17.23 21.98
C ALA C 53 0.77 17.71 21.89
N ARG C 54 1.28 17.94 20.70
CA ARG C 54 2.68 18.33 20.55
C ARG C 54 2.80 19.63 19.75
N PRO C 55 3.97 20.29 19.82
CA PRO C 55 4.08 21.50 19.00
C PRO C 55 4.22 21.17 17.50
N GLU C 56 4.71 19.97 17.15
CA GLU C 56 4.66 19.55 15.74
C GLU C 56 3.31 18.92 15.33
N PRO C 57 2.91 19.05 14.06
CA PRO C 57 1.66 18.41 13.68
C PRO C 57 1.80 16.90 13.42
N GLY C 58 0.75 16.14 13.66
CA GLY C 58 0.66 14.77 13.09
C GLY C 58 0.42 14.87 11.58
N LEU C 59 0.93 13.91 10.84
CA LEU C 59 0.83 13.96 9.41
C LEU C 59 0.44 12.54 8.89
N TYR C 60 -0.74 12.43 8.25
CA TYR C 60 -1.17 11.19 7.63
C TYR C 60 -1.34 11.48 6.15
N ARG C 61 -0.64 10.75 5.28
CA ARG C 61 -0.90 10.92 3.85
C ARG C 61 -0.67 9.65 3.08
N ASP C 62 -1.55 9.39 2.11
CA ASP C 62 -1.40 8.22 1.27
C ASP C 62 -1.99 8.40 -0.12
N VAL C 63 -1.54 7.53 -1.03
CA VAL C 63 -1.76 7.71 -2.46
C VAL C 63 -3.01 7.00 -2.95
N TYR C 64 -4.00 6.82 -2.09
CA TYR C 64 -5.26 6.28 -2.58
C TYR C 64 -6.53 6.86 -1.97
N PRO C 65 -7.66 6.73 -2.70
CA PRO C 65 -8.86 7.52 -2.46
C PRO C 65 -9.35 7.49 -1.00
N ALA C 66 -9.39 8.67 -0.39
CA ALA C 66 -10.01 8.88 0.91
C ALA C 66 -11.30 8.07 0.98
N TRP C 67 -11.69 7.65 2.18
CA TRP C 67 -12.89 6.86 2.33
C TRP C 67 -12.79 5.58 1.48
N SER C 68 -11.57 5.11 1.27
CA SER C 68 -11.34 3.76 0.77
C SER C 68 -10.38 3.13 1.78
N ASP C 69 -9.47 3.98 2.26
CA ASP C 69 -8.44 3.66 3.24
C ASP C 69 -9.10 3.52 4.60
N PRO C 70 -9.35 2.26 5.05
CA PRO C 70 -10.04 2.09 6.34
C PRO C 70 -9.28 2.74 7.48
N ASN C 71 -7.95 2.80 7.36
CA ASN C 71 -7.14 3.46 8.35
C ASN C 71 -7.41 4.95 8.47
N LEU C 72 -7.44 5.64 7.32
CA LEU C 72 -7.82 7.05 7.29
C LEU C 72 -9.20 7.26 7.87
N ARG C 73 -10.14 6.40 7.46
CA ARG C 73 -11.47 6.32 8.07
C ARG C 73 -11.37 6.26 9.60
N ALA C 74 -10.60 5.29 10.13
CA ALA C 74 -10.46 5.13 11.60
C ALA C 74 -9.92 6.39 12.27
N VAL C 75 -8.87 6.94 11.67
CA VAL C 75 -8.23 8.12 12.19
C VAL C 75 -9.15 9.35 12.19
N ALA C 76 -9.87 9.58 11.08
CA ALA C 76 -10.74 10.74 10.98
C ALA C 76 -11.93 10.60 11.91
N HIS C 77 -12.36 9.35 12.13
CA HIS C 77 -13.52 9.08 12.97
C HIS C 77 -13.13 9.18 14.46
N HIS C 78 -11.84 9.04 14.78
CA HIS C 78 -11.40 8.91 16.18
C HIS C 78 -10.52 10.01 16.76
N VAL C 79 -9.82 10.75 15.93
CA VAL C 79 -8.94 11.84 16.37
C VAL C 79 -9.66 13.19 16.31
N ARG C 80 -9.54 13.96 17.39
CA ARG C 80 -10.13 15.29 17.51
C ARG C 80 -9.02 16.34 17.47
N SER C 81 -9.25 17.46 16.82
CA SER C 81 -8.23 18.51 16.77
C SER C 81 -8.84 19.88 16.57
N GLY C 82 -8.21 20.91 17.12
CA GLY C 82 -8.71 22.28 16.97
C GLY C 82 -7.96 23.04 15.88
N LEU C 83 -7.03 22.36 15.21
CA LEU C 83 -6.31 23.00 14.11
C LEU C 83 -5.73 21.95 13.20
N PHE C 84 -6.32 21.81 12.01
CA PHE C 84 -5.83 20.80 11.08
C PHE C 84 -6.08 21.23 9.60
N LEU C 85 -5.39 20.56 8.66
CA LEU C 85 -5.38 20.93 7.27
C LEU C 85 -5.54 19.62 6.54
N SER C 86 -6.48 19.53 5.60
CA SER C 86 -6.60 18.31 4.79
C SER C 86 -6.74 18.61 3.31
N HIS C 87 -6.13 17.75 2.49
CA HIS C 87 -5.91 17.99 1.06
C HIS C 87 -6.33 16.71 0.33
N VAL C 88 -7.16 16.88 -0.70
CA VAL C 88 -7.69 15.77 -1.54
C VAL C 88 -7.08 15.77 -2.94
N ASN C 99 7.77 12.08 -0.73
CA ASN C 99 6.44 11.87 -1.30
C ASN C 99 5.78 13.17 -1.84
N ASN C 100 4.74 12.99 -2.65
CA ASN C 100 4.12 14.11 -3.38
C ASN C 100 2.70 14.51 -2.91
N CYS C 101 2.21 13.86 -1.85
CA CYS C 101 0.91 14.25 -1.27
C CYS C 101 1.13 15.35 -0.26
N HIS C 102 0.20 16.29 -0.19
CA HIS C 102 0.25 17.36 0.80
C HIS C 102 -0.62 16.87 1.95
N PRO C 103 -0.54 17.52 3.11
CA PRO C 103 0.36 18.60 3.45
C PRO C 103 1.80 18.12 3.65
N PHE C 104 2.68 19.08 3.76
CA PHE C 104 4.06 18.91 4.09
C PHE C 104 4.21 19.47 5.51
N ALA C 105 5.20 18.99 6.24
CA ALA C 105 5.37 19.47 7.60
C ALA C 105 6.85 19.56 7.87
N ALA C 106 7.24 20.52 8.67
CA ALA C 106 8.62 20.61 9.12
C ALA C 106 8.59 21.44 10.35
N ARG C 107 9.31 20.99 11.38
CA ARG C 107 9.29 21.60 12.69
C ARG C 107 7.86 21.82 13.14
N ARG C 108 7.54 23.04 13.56
CA ARG C 108 6.16 23.34 14.00
C ARG C 108 5.16 23.64 12.84
N TRP C 109 5.65 23.68 11.61
CA TRP C 109 4.85 24.18 10.46
C TRP C 109 4.25 23.09 9.56
N CYS C 110 3.06 23.34 9.01
CA CYS C 110 2.59 22.50 7.91
C CYS C 110 1.99 23.37 6.84
N PHE C 111 1.87 22.81 5.65
CA PHE C 111 1.63 23.64 4.48
C PHE C 111 0.97 22.80 3.43
N MSE C 112 -0.06 23.34 2.79
CA MSE C 112 -0.56 22.70 1.56
C MSE C 112 -0.96 23.73 0.52
O MSE C 112 -1.31 24.87 0.83
CB MSE C 112 -1.71 21.73 1.85
CG MSE C 112 -3.01 22.42 2.18
SE MSE C 112 -4.33 21.17 2.87
CE MSE C 112 -5.49 22.51 3.66
N HIS C 113 -0.95 23.28 -0.74
CA HIS C 113 -0.96 24.15 -1.89
C HIS C 113 -1.79 23.52 -3.00
N ASN C 114 -2.67 24.33 -3.55
CA ASN C 114 -3.40 24.01 -4.73
C ASN C 114 -2.89 24.94 -5.83
N GLY C 115 -2.48 24.37 -6.97
CA GLY C 115 -2.06 25.16 -8.12
C GLY C 115 -0.83 24.52 -8.73
N GLN C 116 0.04 25.38 -9.29
CA GLN C 116 1.20 24.90 -10.04
C GLN C 116 2.25 26.00 -10.31
N VAL C 117 3.49 25.55 -10.51
CA VAL C 117 4.51 26.43 -11.05
C VAL C 117 4.77 25.91 -12.46
N GLY C 118 4.48 26.73 -13.46
CA GLY C 118 4.47 26.27 -14.84
C GLY C 118 5.83 25.84 -15.32
N GLY C 119 5.88 24.66 -15.92
CA GLY C 119 7.11 24.10 -16.50
C GLY C 119 8.11 23.62 -15.45
N PHE C 120 7.65 23.42 -14.20
CA PHE C 120 8.52 23.16 -13.06
C PHE C 120 9.59 22.09 -13.31
N GLU C 121 9.19 20.97 -13.89
CA GLU C 121 10.13 19.85 -14.02
C GLU C 121 11.34 20.23 -14.86
N ALA C 122 11.21 21.21 -15.73
CA ALA C 122 12.35 21.64 -16.56
C ALA C 122 13.42 22.41 -15.82
N PHE C 123 13.07 23.00 -14.67
CA PHE C 123 14.05 23.70 -13.85
C PHE C 123 14.03 23.26 -12.36
N ARG C 124 13.61 22.02 -12.08
CA ARG C 124 13.54 21.52 -10.71
C ARG C 124 14.86 21.65 -9.93
N LYS C 125 15.97 21.34 -10.61
CA LYS C 125 17.29 21.46 -9.99
C LYS C 125 17.56 22.87 -9.46
N GLN C 126 17.29 23.86 -10.30
CA GLN C 126 17.51 25.23 -9.92
C GLN C 126 16.64 25.60 -8.72
N ALA C 127 15.43 25.06 -8.65
CA ALA C 127 14.56 25.37 -7.53
C ALA C 127 15.09 24.73 -6.23
N ASP C 128 15.47 23.46 -6.30
CA ASP C 128 16.01 22.77 -5.12
C ASP C 128 17.22 23.54 -4.57
N MSE C 129 18.09 23.97 -5.47
CA MSE C 129 19.35 24.61 -5.04
C MSE C 129 19.13 25.94 -4.32
O MSE C 129 20.01 26.40 -3.65
CB MSE C 129 20.32 24.85 -6.20
CG MSE C 129 20.78 23.55 -6.95
SE MSE C 129 21.62 22.14 -5.92
CE MSE C 129 20.11 21.01 -5.41
N ALA C 130 17.96 26.55 -4.48
CA ALA C 130 17.65 27.75 -3.75
C ALA C 130 17.17 27.48 -2.34
N ILE C 131 16.94 26.22 -1.99
CA ILE C 131 16.56 25.90 -0.64
C ILE C 131 17.76 26.06 0.28
N ALA C 132 17.60 26.77 1.40
CA ALA C 132 18.74 26.89 2.38
C ALA C 132 19.20 25.51 2.92
N ASP C 133 20.51 25.38 3.17
CA ASP C 133 21.09 24.15 3.74
C ASP C 133 20.33 23.67 4.96
N GLU C 134 19.85 24.60 5.77
CA GLU C 134 19.16 24.25 6.99
C GLU C 134 17.88 23.46 6.74
N PHE C 135 17.16 23.81 5.66
CA PHE C 135 15.88 23.16 5.39
C PHE C 135 15.92 22.07 4.32
N TYR C 136 17.10 21.80 3.77
CA TYR C 136 17.20 20.91 2.63
C TYR C 136 16.86 19.49 3.05
N THR C 137 17.27 19.14 4.25
CA THR C 137 16.97 17.84 4.78
C THR C 137 15.46 17.47 4.73
N TYR C 138 14.57 18.49 4.70
CA TYR C 138 13.12 18.22 4.64
C TYR C 138 12.60 18.00 3.21
N ARG C 139 13.45 18.17 2.20
CA ARG C 139 13.01 17.99 0.82
C ARG C 139 13.04 16.49 0.50
N LYS C 140 11.87 15.86 0.49
CA LYS C 140 11.76 14.40 0.38
C LYS C 140 11.24 13.96 -0.99
N GLY C 141 10.47 14.84 -1.64
CA GLY C 141 9.91 14.53 -2.96
C GLY C 141 10.36 15.47 -4.07
N SER C 142 9.57 15.55 -5.12
CA SER C 142 9.95 16.37 -6.23
C SER C 142 8.86 17.37 -6.62
N THR C 143 7.84 17.58 -5.79
CA THR C 143 6.78 18.50 -6.22
C THR C 143 7.24 19.95 -6.16
N ASP C 144 6.54 20.80 -6.89
CA ASP C 144 6.73 22.24 -6.76
C ASP C 144 6.24 22.78 -5.39
N SER C 145 5.14 22.20 -4.88
CA SER C 145 4.54 22.67 -3.62
C SER C 145 5.49 22.51 -2.41
N GLU C 146 6.17 21.37 -2.39
CA GLU C 146 7.13 21.11 -1.35
C GLU C 146 8.26 22.16 -1.37
N VAL C 147 8.74 22.49 -2.56
CA VAL C 147 9.81 23.48 -2.64
C VAL C 147 9.27 24.84 -2.25
N LEU C 148 8.01 25.13 -2.55
CA LEU C 148 7.48 26.41 -2.17
C LEU C 148 7.55 26.54 -0.67
N PHE C 149 7.11 25.49 0.03
CA PHE C 149 7.11 25.43 1.49
C PHE C 149 8.52 25.61 2.07
N LEU C 150 9.47 24.85 1.51
CA LEU C 150 10.83 24.89 2.05
C LEU C 150 11.57 26.20 1.71
N LEU C 151 11.24 26.79 0.56
CA LEU C 151 11.71 28.11 0.21
C LEU C 151 11.14 29.18 1.14
N ALA C 152 9.86 29.11 1.48
CA ALA C 152 9.28 30.01 2.48
C ALA C 152 9.96 29.86 3.82
N LEU C 153 10.25 28.63 4.23
CA LEU C 153 10.98 28.44 5.49
C LEU C 153 12.36 29.11 5.40
N SER C 154 13.03 28.92 4.26
CA SER C 154 14.35 29.50 3.96
C SER C 154 14.30 31.02 3.93
N GLU C 155 13.12 31.58 3.64
CA GLU C 155 12.96 33.01 3.57
C GLU C 155 12.44 33.60 4.88
N GLY C 156 12.36 32.78 5.94
CA GLY C 156 11.95 33.27 7.28
C GLY C 156 10.47 33.08 7.67
N LEU C 157 9.81 32.05 7.11
CA LEU C 157 8.42 31.75 7.48
C LEU C 157 8.21 31.71 9.01
N GLU C 158 9.14 31.12 9.75
CA GLU C 158 9.04 31.04 11.21
C GLU C 158 8.86 32.40 11.93
N HIS C 159 9.40 33.47 11.36
CA HIS C 159 9.23 34.79 12.00
C HIS C 159 8.39 35.80 11.19
N ASP C 160 8.23 35.58 9.87
CA ASP C 160 7.53 36.53 9.00
C ASP C 160 6.73 35.77 7.94
N PRO C 161 5.56 35.23 8.33
CA PRO C 161 4.88 34.38 7.36
C PRO C 161 4.52 35.11 6.07
N HIS C 162 3.94 36.29 6.19
CA HIS C 162 3.58 37.09 5.02
C HIS C 162 4.78 37.33 4.08
N GLY C 163 5.82 37.99 4.58
CA GLY C 163 7.01 38.31 3.77
C GLY C 163 7.68 37.10 3.15
N ALA C 164 7.87 36.04 3.94
CA ALA C 164 8.60 34.84 3.47
C ALA C 164 7.90 34.11 2.33
N LEU C 165 6.59 33.92 2.45
CA LEU C 165 5.86 33.28 1.34
C LEU C 165 5.93 34.19 0.07
N ALA C 166 5.71 35.51 0.26
CA ALA C 166 5.84 36.47 -0.84
C ALA C 166 7.17 36.29 -1.58
N ARG C 167 8.26 36.22 -0.83
CA ARG C 167 9.59 36.07 -1.43
C ARG C 167 9.78 34.68 -2.04
N ALA C 168 9.26 33.65 -1.40
CA ALA C 168 9.39 32.31 -1.98
C ALA C 168 8.63 32.24 -3.31
N ILE C 169 7.42 32.74 -3.32
CA ILE C 169 6.64 32.82 -4.56
C ILE C 169 7.30 33.64 -5.68
N ALA C 170 7.80 34.84 -5.37
CA ALA C 170 8.51 35.63 -6.40
C ALA C 170 9.71 34.85 -6.98
N ARG C 171 10.44 34.14 -6.14
CA ARG C 171 11.58 33.44 -6.71
C ARG C 171 11.11 32.35 -7.67
N LEU C 172 10.11 31.55 -7.26
CA LEU C 172 9.65 30.44 -8.16
C LEU C 172 8.96 30.95 -9.41
N GLU C 173 8.10 31.96 -9.25
CA GLU C 173 7.47 32.56 -10.43
C GLU C 173 8.53 33.06 -11.45
N GLY C 174 9.60 33.67 -10.98
CA GLY C 174 10.65 34.18 -11.89
C GLY C 174 11.46 33.04 -12.54
N LEU C 175 11.72 31.97 -11.80
CA LEU C 175 12.29 30.76 -12.41
C LEU C 175 11.38 30.21 -13.50
N SER C 176 10.07 30.16 -13.23
CA SER C 176 9.13 29.74 -14.30
C SER C 176 9.17 30.70 -15.56
N ARG C 177 9.16 32.00 -15.30
CA ARG C 177 9.25 32.95 -16.41
C ARG C 177 10.49 32.65 -17.22
N ALA C 178 11.60 32.37 -16.53
CA ALA C 178 12.89 32.17 -17.18
C ALA C 178 13.00 30.82 -17.85
N HIS C 179 12.56 29.76 -17.17
CA HIS C 179 12.81 28.44 -17.72
C HIS C 179 11.58 27.58 -17.95
N GLY C 180 10.42 28.04 -17.50
CA GLY C 180 9.24 27.18 -17.57
C GLY C 180 8.25 27.64 -18.61
N THR C 181 6.98 27.42 -18.29
CA THR C 181 5.95 27.92 -19.15
C THR C 181 4.87 28.48 -18.27
N THR C 182 3.83 28.85 -18.97
CA THR C 182 2.69 29.48 -18.44
C THR C 182 1.77 28.35 -17.95
N PRO C 183 0.98 28.59 -16.92
CA PRO C 183 0.99 29.76 -16.03
C PRO C 183 2.18 29.70 -15.04
N HIS C 184 2.84 30.84 -14.85
CA HIS C 184 4.05 30.89 -14.06
C HIS C 184 3.78 30.66 -12.57
N MSE C 185 2.64 31.11 -12.07
CA MSE C 185 2.32 30.84 -10.68
C MSE C 185 0.82 30.83 -10.46
O MSE C 185 0.15 31.83 -10.75
CB MSE C 185 2.97 31.89 -9.77
CG MSE C 185 2.57 31.77 -8.31
SE MSE C 185 3.29 30.11 -7.46
CE MSE C 185 5.20 30.39 -7.80
N ARG C 186 0.29 29.73 -9.93
CA ARG C 186 -1.09 29.65 -9.43
C ARG C 186 -1.01 29.07 -8.01
N LEU C 187 -1.58 29.79 -7.02
CA LEU C 187 -1.50 29.37 -5.66
C LEU C 187 -2.77 29.69 -4.86
N SER C 188 -3.36 28.65 -4.26
CA SER C 188 -4.05 28.85 -2.99
C SER C 188 -3.34 27.90 -2.03
N ALA C 189 -3.02 28.41 -0.85
CA ALA C 189 -2.24 27.70 0.14
C ALA C 189 -2.87 27.85 1.50
N ALA C 190 -2.80 26.79 2.29
CA ALA C 190 -3.16 26.84 3.71
C ALA C 190 -1.97 26.39 4.48
N PHE C 191 -1.66 27.09 5.57
CA PHE C 191 -0.50 26.77 6.36
C PHE C 191 -0.66 27.24 7.79
N SER C 192 0.08 26.60 8.70
CA SER C 192 -0.14 26.84 10.13
C SER C 192 1.13 26.56 10.95
N ASP C 193 1.23 27.20 12.12
CA ASP C 193 2.29 26.87 13.08
C ASP C 193 1.77 26.20 14.34
N GLY C 194 0.52 25.72 14.37
CA GLY C 194 -0.03 25.11 15.58
C GLY C 194 -0.90 26.06 16.39
N GLN C 195 -0.80 27.35 16.11
CA GLN C 195 -1.53 28.36 16.89
C GLN C 195 -2.40 29.22 15.97
N THR C 196 -1.82 29.58 14.82
CA THR C 196 -2.47 30.44 13.85
C THR C 196 -2.72 29.67 12.54
N LEU C 197 -3.87 29.89 11.91
CA LEU C 197 -4.11 29.35 10.59
C LEU C 197 -3.99 30.49 9.55
N TYR C 198 -3.18 30.26 8.51
CA TYR C 198 -3.03 31.19 7.38
C TYR C 198 -3.55 30.58 6.08
N ALA C 199 -4.07 31.42 5.21
CA ALA C 199 -4.37 31.03 3.82
C ALA C 199 -4.04 32.18 2.91
N ALA C 200 -3.62 31.86 1.70
CA ALA C 200 -3.21 32.88 0.77
C ALA C 200 -3.65 32.49 -0.64
N ARG C 201 -4.03 33.48 -1.43
CA ARG C 201 -4.47 33.25 -2.81
C ARG C 201 -3.78 34.22 -3.77
N TYR C 202 -3.04 33.69 -4.75
CA TYR C 202 -2.30 34.52 -5.73
C TYR C 202 -2.13 33.80 -7.07
N SER C 203 -2.11 34.55 -8.16
CA SER C 203 -1.84 34.01 -9.48
C SER C 203 -1.15 35.02 -10.35
N SER C 204 -0.28 34.53 -11.23
CA SER C 204 0.32 35.36 -12.28
C SER C 204 -0.63 35.67 -13.47
N ASP C 205 -1.84 35.14 -13.45
CA ASP C 205 -2.78 35.39 -14.56
C ASP C 205 -4.18 35.43 -13.98
N HIS C 206 -5.19 35.32 -14.81
CA HIS C 206 -6.55 35.51 -14.32
C HIS C 206 -7.19 34.40 -13.56
N ILE C 207 -6.57 33.23 -13.56
CA ILE C 207 -7.17 32.11 -12.82
C ILE C 207 -6.44 31.84 -11.52
N ALA C 208 -7.14 31.96 -10.40
CA ALA C 208 -6.51 31.55 -9.13
C ALA C 208 -7.40 30.55 -8.41
N PRO C 209 -6.82 29.42 -8.00
CA PRO C 209 -7.62 28.43 -7.27
C PRO C 209 -8.41 29.10 -6.14
N SER C 210 -9.65 28.71 -5.97
CA SER C 210 -10.55 29.49 -5.15
C SER C 210 -10.29 29.24 -3.66
N VAL C 211 -10.64 30.24 -2.86
CA VAL C 211 -10.61 30.14 -1.42
C VAL C 211 -11.82 30.81 -0.80
N TYR C 212 -12.54 30.09 0.07
CA TYR C 212 -13.66 30.64 0.87
C TYR C 212 -13.47 30.25 2.33
N TYR C 213 -14.02 31.09 3.22
CA TYR C 213 -13.94 30.81 4.64
C TYR C 213 -15.20 31.32 5.33
N ARG C 214 -15.52 30.73 6.47
CA ARG C 214 -16.76 31.05 7.20
C ARG C 214 -16.66 30.49 8.62
N TYR C 215 -17.25 31.23 9.55
CA TYR C 215 -17.34 30.81 10.94
C TYR C 215 -18.54 29.90 11.10
N SER C 216 -18.29 28.73 11.68
CA SER C 216 -19.33 27.72 11.86
C SER C 216 -19.76 27.67 13.34
N HIS C 217 -20.95 28.20 13.65
CA HIS C 217 -21.44 28.23 15.04
C HIS C 217 -21.63 26.83 15.62
N ALA C 218 -22.11 25.91 14.79
CA ALA C 218 -22.22 24.50 15.17
C ALA C 218 -20.89 23.97 15.71
N ARG C 219 -19.81 24.16 14.96
CA ARG C 219 -18.51 23.67 15.43
C ARG C 219 -17.81 24.64 16.35
N GLN C 220 -18.20 25.91 16.29
CA GLN C 220 -17.48 26.94 17.03
C GLN C 220 -16.03 26.97 16.53
N GLY C 221 -15.86 27.28 15.26
CA GLY C 221 -14.53 27.45 14.69
C GLY C 221 -14.61 27.89 13.25
N TRP C 222 -13.46 28.26 12.68
CA TRP C 222 -13.41 28.72 11.30
C TRP C 222 -13.10 27.60 10.32
N ALA C 223 -13.81 27.60 9.19
CA ALA C 223 -13.54 26.69 8.10
C ALA C 223 -13.08 27.50 6.90
N VAL C 224 -12.00 27.04 6.27
CA VAL C 224 -11.42 27.63 5.08
C VAL C 224 -11.29 26.51 4.06
N VAL C 225 -11.83 26.75 2.86
CA VAL C 225 -11.82 25.73 1.83
C VAL C 225 -11.33 26.29 0.50
N SER C 226 -10.74 25.44 -0.33
CA SER C 226 -10.33 25.83 -1.71
C SER C 226 -10.88 24.80 -2.68
N GLU C 227 -11.56 25.31 -3.72
CA GLU C 227 -12.25 24.46 -4.71
C GLU C 227 -13.26 23.46 -4.09
N PRO C 228 -14.14 23.93 -3.18
CA PRO C 228 -15.22 23.04 -2.72
C PRO C 228 -16.18 22.68 -3.88
N TRP C 236 -20.48 31.98 3.11
CA TRP C 236 -19.05 31.89 2.84
C TRP C 236 -18.47 33.22 2.36
N THR C 237 -17.32 33.59 2.87
CA THR C 237 -16.62 34.78 2.41
C THR C 237 -15.53 34.39 1.41
N GLU C 238 -15.55 34.98 0.22
CA GLU C 238 -14.50 34.68 -0.73
C GLU C 238 -13.19 35.40 -0.39
N LEU C 239 -12.10 34.66 -0.31
CA LEU C 239 -10.80 35.31 -0.27
C LEU C 239 -10.41 35.66 -1.71
N ARG C 240 -10.33 36.95 -2.03
CA ARG C 240 -9.98 37.39 -3.38
C ARG C 240 -8.49 37.13 -3.69
N PRO C 241 -8.13 37.04 -4.99
CA PRO C 241 -6.70 36.89 -5.38
C PRO C 241 -5.89 38.09 -4.88
N GLY C 242 -4.61 37.87 -4.55
CA GLY C 242 -3.75 38.92 -3.98
C GLY C 242 -4.14 39.29 -2.57
N ARG C 243 -4.55 38.28 -1.79
CA ARG C 243 -4.99 38.47 -0.41
C ARG C 243 -4.46 37.33 0.47
N MSE C 244 -4.19 37.67 1.73
CA MSE C 244 -3.80 36.67 2.70
C MSE C 244 -4.72 36.75 3.89
O MSE C 244 -5.08 37.86 4.31
CB MSE C 244 -2.36 36.89 3.18
CG MSE C 244 -1.91 35.83 4.21
SE MSE C 244 0.02 35.64 4.29
CE MSE C 244 0.44 34.49 2.84
N LEU C 245 -5.09 35.59 4.39
CA LEU C 245 -6.03 35.46 5.50
C LEU C 245 -5.27 34.88 6.71
N THR C 246 -5.48 35.48 7.86
CA THR C 246 -4.88 35.05 9.14
C THR C 246 -5.99 34.77 10.16
N ILE C 247 -6.05 33.55 10.70
CA ILE C 247 -7.04 33.21 11.72
C ILE C 247 -6.30 32.79 12.99
N GLY C 248 -6.47 33.58 14.04
CA GLY C 248 -5.84 33.24 15.33
C GLY C 248 -6.70 33.55 16.52
N ALA C 249 -6.05 33.76 17.67
CA ALA C 249 -6.76 34.03 18.91
C ALA C 249 -7.49 35.37 18.88
N GLU C 250 -7.22 36.20 17.86
CA GLU C 250 -7.83 37.54 17.79
C GLU C 250 -9.01 37.55 16.80
N GLY C 251 -9.09 36.51 15.96
CA GLY C 251 -10.16 36.43 14.96
C GLY C 251 -9.59 36.16 13.57
N ALA C 252 -10.43 36.36 12.56
CA ALA C 252 -10.02 36.29 11.16
C ALA C 252 -9.65 37.69 10.67
N ALA C 253 -8.60 37.79 9.86
CA ALA C 253 -8.27 39.07 9.20
C ALA C 253 -7.57 38.88 7.84
N GLU C 254 -7.89 39.79 6.91
CA GLU C 254 -7.30 39.79 5.57
C GLU C 254 -6.29 40.90 5.37
N ARG C 255 -5.41 40.74 4.40
CA ARG C 255 -4.41 41.76 4.10
C ARG C 255 -4.01 41.55 2.65
N ASP C 256 -3.62 42.62 1.98
CA ASP C 256 -3.16 42.51 0.59
C ASP C 256 -1.91 41.67 0.55
N PHE C 257 -1.76 40.89 -0.50
CA PHE C 257 -0.63 39.99 -0.62
C PHE C 257 -0.11 40.07 -2.05
N ALA C 258 1.07 40.65 -2.21
CA ALA C 258 1.53 41.08 -3.54
C ALA C 258 2.95 40.63 -3.84
N PRO C 259 3.16 39.33 -4.05
CA PRO C 259 4.52 38.79 -4.12
C PRO C 259 5.55 39.72 -4.77
N CYS D 4 -17.56 0.88 -13.27
CA CYS D 4 -16.82 -0.35 -12.89
C CYS D 4 -16.18 -1.05 -14.12
N ARG D 5 -15.73 -0.22 -15.06
CA ARG D 5 -15.08 -0.72 -16.29
C ARG D 5 -14.25 -2.01 -16.12
N TRP D 6 -14.59 -3.04 -16.90
CA TRP D 6 -13.67 -4.15 -17.12
C TRP D 6 -13.34 -4.39 -18.61
N ALA D 7 -12.22 -5.07 -18.87
CA ALA D 7 -11.85 -5.45 -20.22
C ALA D 7 -11.15 -6.81 -20.28
N ALA D 8 -11.44 -7.58 -21.32
CA ALA D 8 -10.85 -8.89 -21.52
C ALA D 8 -10.33 -9.04 -22.95
N TYR D 9 -9.32 -9.90 -23.12
CA TYR D 9 -8.70 -10.04 -24.41
C TYR D 9 -8.37 -11.50 -24.73
N HIS D 10 -8.58 -11.89 -25.97
CA HIS D 10 -8.27 -13.24 -26.45
C HIS D 10 -7.79 -13.17 -27.93
N GLY D 11 -6.51 -13.45 -28.16
CA GLY D 11 -5.92 -13.44 -29.51
C GLY D 11 -4.40 -13.41 -29.51
N THR D 12 -3.81 -12.86 -30.57
CA THR D 12 -2.36 -12.66 -30.62
C THR D 12 -1.88 -11.84 -29.40
N PRO D 13 -0.76 -12.26 -28.75
CA PRO D 13 -0.37 -11.56 -27.54
C PRO D 13 -0.12 -10.07 -27.74
N ILE D 14 -0.68 -9.25 -26.83
CA ILE D 14 -0.39 -7.81 -26.76
C ILE D 14 0.09 -7.40 -25.31
N PHE D 15 0.74 -6.25 -25.18
CA PHE D 15 1.02 -5.71 -23.88
C PHE D 15 -0.27 -5.40 -23.13
N LEU D 16 -0.32 -5.75 -21.85
CA LEU D 16 -1.57 -5.61 -21.11
C LEU D 16 -2.11 -4.18 -21.26
N GLU D 17 -1.22 -3.20 -21.18
CA GLU D 17 -1.60 -1.80 -21.31
C GLU D 17 -2.38 -1.47 -22.60
N ASP D 18 -2.14 -2.21 -23.69
CA ASP D 18 -2.72 -1.90 -25.00
C ASP D 18 -4.23 -2.12 -25.03
N VAL D 19 -4.73 -2.77 -23.98
CA VAL D 19 -6.14 -2.82 -23.65
C VAL D 19 -6.45 -1.98 -22.40
N ILE D 20 -5.61 -2.11 -21.38
CA ILE D 20 -5.92 -1.66 -20.02
C ILE D 20 -6.19 -0.16 -19.89
N PHE D 46 -8.05 -2.04 -8.63
CA PHE D 46 -7.52 -2.51 -9.91
C PHE D 46 -7.01 -3.94 -9.81
N GLY D 47 -6.86 -4.58 -10.96
CA GLY D 47 -6.64 -6.01 -11.01
C GLY D 47 -6.48 -6.51 -12.43
N VAL D 48 -5.53 -7.42 -12.61
CA VAL D 48 -5.38 -8.07 -13.90
C VAL D 48 -5.07 -9.55 -13.63
N ALA D 49 -5.69 -10.41 -14.43
CA ALA D 49 -5.38 -11.82 -14.49
C ALA D 49 -4.88 -12.15 -15.90
N TRP D 50 -3.72 -12.79 -16.04
CA TRP D 50 -3.22 -13.03 -17.41
C TRP D 50 -2.58 -14.41 -17.54
N TYR D 51 -2.65 -14.99 -18.73
CA TYR D 51 -2.01 -16.27 -19.01
C TYR D 51 -0.80 -16.02 -19.89
N ASP D 52 0.25 -16.74 -19.62
CA ASP D 52 1.46 -16.58 -20.35
C ASP D 52 2.08 -17.97 -20.39
N ALA D 53 2.92 -18.26 -19.42
CA ALA D 53 3.73 -19.48 -19.46
C ALA D 53 3.10 -20.65 -18.71
N ARG D 54 2.15 -20.38 -17.85
CA ARG D 54 1.68 -21.43 -16.97
C ARG D 54 0.22 -21.72 -17.27
N PRO D 55 -0.23 -22.93 -16.94
CA PRO D 55 -1.67 -23.12 -17.13
C PRO D 55 -2.45 -22.29 -16.11
N GLU D 56 -1.83 -21.92 -14.98
CA GLU D 56 -2.48 -21.00 -14.04
C GLU D 56 -2.26 -19.55 -14.45
N PRO D 57 -3.24 -18.68 -14.18
CA PRO D 57 -3.05 -17.30 -14.62
C PRO D 57 -2.17 -16.55 -13.62
N GLY D 58 -1.35 -15.62 -14.09
CA GLY D 58 -0.77 -14.63 -13.16
C GLY D 58 -1.90 -13.74 -12.66
N LEU D 59 -1.83 -13.33 -11.39
CA LEU D 59 -2.85 -12.48 -10.79
C LEU D 59 -2.23 -11.25 -10.07
N TYR D 60 -2.61 -10.04 -10.46
CA TYR D 60 -2.10 -8.82 -9.83
C TYR D 60 -3.30 -8.00 -9.41
N ARG D 61 -3.37 -7.66 -8.13
CA ARG D 61 -4.42 -6.82 -7.60
C ARG D 61 -4.00 -6.04 -6.34
N ASP D 62 -4.44 -4.80 -6.29
CA ASP D 62 -4.07 -3.89 -5.25
C ASP D 62 -5.20 -2.89 -5.14
N VAL D 63 -5.17 -2.04 -4.11
CA VAL D 63 -6.23 -1.04 -3.96
C VAL D 63 -5.87 0.31 -4.59
N TYR D 64 -4.83 0.31 -5.41
CA TYR D 64 -4.35 1.53 -6.04
C TYR D 64 -4.78 1.56 -7.51
N PRO D 65 -5.15 2.76 -8.01
CA PRO D 65 -5.61 2.88 -9.41
C PRO D 65 -4.47 2.74 -10.42
N ALA D 66 -4.77 2.19 -11.60
CA ALA D 66 -3.78 2.03 -12.66
C ALA D 66 -2.73 3.13 -12.65
N TRP D 67 -3.17 4.34 -12.32
CA TRP D 67 -2.31 5.53 -12.36
C TRP D 67 -1.50 5.80 -11.08
N SER D 68 -1.97 5.32 -9.92
CA SER D 68 -1.22 5.54 -8.67
C SER D 68 -0.25 4.39 -8.36
N ASP D 69 -0.32 3.32 -9.14
CA ASP D 69 0.54 2.15 -8.92
C ASP D 69 1.58 1.99 -10.02
N PRO D 70 2.82 2.47 -9.80
CA PRO D 70 3.90 2.31 -10.77
C PRO D 70 4.31 0.84 -10.99
N ASN D 71 4.06 -0.03 -10.02
CA ASN D 71 4.31 -1.44 -10.24
C ASN D 71 3.33 -2.02 -11.25
N LEU D 72 2.04 -1.76 -11.06
CA LEU D 72 1.02 -2.18 -12.04
C LEU D 72 1.32 -1.56 -13.41
N ARG D 73 1.67 -0.28 -13.41
CA ARG D 73 2.03 0.40 -14.65
C ARG D 73 3.25 -0.25 -15.36
N ALA D 74 4.23 -0.70 -14.57
CA ALA D 74 5.39 -1.39 -15.15
C ALA D 74 5.02 -2.77 -15.72
N VAL D 75 4.24 -3.55 -14.99
CA VAL D 75 3.78 -4.85 -15.46
C VAL D 75 2.95 -4.72 -16.76
N ALA D 76 1.96 -3.84 -16.71
CA ALA D 76 1.09 -3.65 -17.87
C ALA D 76 1.88 -3.13 -19.07
N HIS D 77 2.97 -2.41 -18.82
CA HIS D 77 3.83 -1.91 -19.90
C HIS D 77 4.77 -2.98 -20.45
N HIS D 78 5.00 -4.05 -19.69
CA HIS D 78 6.13 -4.95 -20.02
C HIS D 78 5.73 -6.38 -20.33
N VAL D 79 4.64 -6.83 -19.72
CA VAL D 79 4.10 -8.17 -19.93
C VAL D 79 3.13 -8.25 -21.13
N ARG D 80 3.35 -9.26 -21.98
CA ARG D 80 2.48 -9.57 -23.10
C ARG D 80 1.65 -10.82 -22.84
N SER D 81 0.38 -10.80 -23.23
CA SER D 81 -0.47 -11.97 -23.07
C SER D 81 -1.52 -12.03 -24.19
N GLY D 82 -1.88 -13.26 -24.55
CA GLY D 82 -2.88 -13.51 -25.55
C GLY D 82 -4.21 -13.82 -24.91
N LEU D 83 -4.26 -13.82 -23.58
CA LEU D 83 -5.52 -14.06 -22.88
C LEU D 83 -5.46 -13.45 -21.51
N PHE D 84 -6.20 -12.37 -21.30
CA PHE D 84 -6.20 -11.76 -19.99
C PHE D 84 -7.51 -11.03 -19.65
N LEU D 85 -7.68 -10.71 -18.34
CA LEU D 85 -8.88 -10.06 -17.81
C LEU D 85 -8.39 -8.93 -16.92
N SER D 86 -8.96 -7.74 -17.05
CA SER D 86 -8.62 -6.60 -16.19
C SER D 86 -9.82 -5.75 -15.78
N HIS D 87 -9.79 -5.14 -14.60
CA HIS D 87 -11.05 -4.75 -13.87
C HIS D 87 -10.89 -3.67 -12.80
N VAL D 88 -11.53 -2.51 -13.00
CA VAL D 88 -11.45 -1.38 -12.09
C VAL D 88 -12.54 -1.44 -11.03
N ASN D 99 -9.31 -10.89 0.08
CA ASN D 99 -9.39 -9.68 -0.74
C ASN D 99 -10.73 -9.58 -1.55
N ASN D 100 -11.13 -8.34 -1.82
CA ASN D 100 -12.41 -7.98 -2.43
C ASN D 100 -12.28 -7.36 -3.86
N CYS D 101 -11.10 -7.51 -4.47
CA CYS D 101 -10.85 -7.01 -5.83
C CYS D 101 -10.93 -8.13 -6.87
N HIS D 102 -11.44 -7.82 -8.06
CA HIS D 102 -11.45 -8.83 -9.13
C HIS D 102 -10.15 -8.62 -9.91
N PRO D 103 -9.76 -9.58 -10.75
CA PRO D 103 -10.33 -10.90 -10.91
C PRO D 103 -10.04 -11.77 -9.69
N PHE D 104 -10.75 -12.90 -9.64
CA PHE D 104 -10.52 -14.01 -8.73
C PHE D 104 -9.92 -15.17 -9.56
N ALA D 105 -9.18 -16.05 -8.92
CA ALA D 105 -8.55 -17.14 -9.66
C ALA D 105 -8.48 -18.33 -8.75
N ALA D 106 -8.68 -19.51 -9.32
CA ALA D 106 -8.49 -20.75 -8.57
C ALA D 106 -8.20 -21.81 -9.63
N ARG D 107 -7.12 -22.56 -9.42
CA ARG D 107 -6.65 -23.53 -10.40
C ARG D 107 -6.39 -22.88 -11.78
N ARG D 108 -6.93 -23.43 -12.87
CA ARG D 108 -6.72 -22.85 -14.21
C ARG D 108 -7.62 -21.63 -14.55
N TRP D 109 -8.62 -21.38 -13.70
CA TRP D 109 -9.72 -20.46 -14.04
C TRP D 109 -9.58 -19.09 -13.38
N CYS D 110 -10.06 -18.05 -14.06
CA CYS D 110 -10.15 -16.73 -13.44
C CYS D 110 -11.46 -16.13 -13.82
N PHE D 111 -11.86 -15.07 -13.15
CA PHE D 111 -13.26 -14.66 -13.18
C PHE D 111 -13.38 -13.24 -12.65
N MSE D 112 -14.21 -12.44 -13.29
CA MSE D 112 -14.56 -11.12 -12.78
C MSE D 112 -16.03 -10.78 -13.12
O MSE D 112 -16.59 -11.32 -14.08
CB MSE D 112 -13.61 -10.03 -13.29
CG MSE D 112 -13.51 -9.90 -14.76
SE MSE D 112 -12.22 -8.51 -15.19
CE MSE D 112 -12.38 -8.72 -17.15
N HIS D 113 -16.63 -9.91 -12.31
CA HIS D 113 -18.05 -9.72 -12.30
C HIS D 113 -18.32 -8.25 -11.99
N ASN D 114 -19.23 -7.68 -12.76
CA ASN D 114 -19.79 -6.37 -12.57
C ASN D 114 -21.28 -6.61 -12.22
N GLY D 115 -21.73 -5.99 -11.12
CA GLY D 115 -23.15 -5.98 -10.73
C GLY D 115 -23.30 -6.29 -9.24
N GLN D 116 -24.39 -6.95 -8.87
CA GLN D 116 -24.68 -7.21 -7.48
C GLN D 116 -25.72 -8.30 -7.33
N VAL D 117 -25.67 -8.95 -6.18
CA VAL D 117 -26.75 -9.80 -5.71
C VAL D 117 -27.43 -8.97 -4.64
N GLY D 118 -28.71 -8.65 -4.86
CA GLY D 118 -29.42 -7.72 -3.98
C GLY D 118 -29.56 -8.22 -2.53
N GLY D 119 -29.15 -7.39 -1.58
CA GLY D 119 -29.31 -7.65 -0.15
C GLY D 119 -28.32 -8.68 0.37
N PHE D 120 -27.29 -8.95 -0.43
CA PHE D 120 -26.36 -10.05 -0.15
C PHE D 120 -25.91 -10.10 1.31
N GLU D 121 -25.54 -8.94 1.87
CA GLU D 121 -25.03 -8.95 3.24
C GLU D 121 -26.01 -9.56 4.24
N ALA D 122 -27.30 -9.49 3.94
CA ALA D 122 -28.29 -10.06 4.85
C ALA D 122 -28.30 -11.62 4.81
N PHE D 123 -27.64 -12.22 3.83
CA PHE D 123 -27.60 -13.70 3.80
C PHE D 123 -26.23 -14.28 3.48
N ARG D 124 -25.17 -13.53 3.79
CA ARG D 124 -23.85 -13.96 3.36
C ARG D 124 -23.54 -15.37 3.87
N LYS D 125 -23.95 -15.66 5.09
CA LYS D 125 -23.67 -16.96 5.71
C LYS D 125 -24.19 -18.12 4.85
N GLN D 126 -25.47 -18.05 4.46
CA GLN D 126 -26.07 -19.07 3.62
C GLN D 126 -25.41 -19.17 2.25
N ALA D 127 -25.02 -18.01 1.68
CA ALA D 127 -24.29 -18.06 0.43
C ALA D 127 -22.97 -18.79 0.60
N ASP D 128 -22.27 -18.49 1.71
CA ASP D 128 -21.01 -19.15 2.01
C ASP D 128 -21.20 -20.67 2.19
N MSE D 129 -22.26 -21.03 2.92
CA MSE D 129 -22.57 -22.43 3.26
C MSE D 129 -22.81 -23.27 2.01
O MSE D 129 -22.55 -24.47 2.00
CB MSE D 129 -23.83 -22.45 4.13
CG MSE D 129 -24.16 -23.77 4.86
SE MSE D 129 -26.11 -23.83 5.30
CE MSE D 129 -26.84 -23.65 3.47
N ALA D 130 -23.28 -22.62 0.95
CA ALA D 130 -23.53 -23.27 -0.34
C ALA D 130 -22.27 -23.61 -1.13
N ILE D 131 -21.13 -23.04 -0.78
CA ILE D 131 -19.89 -23.38 -1.48
C ILE D 131 -19.43 -24.81 -1.10
N ALA D 132 -19.11 -25.66 -2.08
CA ALA D 132 -18.61 -27.02 -1.76
C ALA D 132 -17.32 -26.91 -0.96
N ASP D 133 -17.12 -27.89 -0.06
CA ASP D 133 -15.91 -28.01 0.73
C ASP D 133 -14.65 -27.91 -0.14
N GLU D 134 -14.69 -28.56 -1.29
CA GLU D 134 -13.53 -28.62 -2.19
C GLU D 134 -13.01 -27.21 -2.57
N PHE D 135 -13.92 -26.26 -2.70
CA PHE D 135 -13.52 -24.94 -3.17
C PHE D 135 -13.53 -23.91 -2.06
N TYR D 136 -13.95 -24.32 -0.86
CA TYR D 136 -14.11 -23.37 0.24
C TYR D 136 -12.79 -22.70 0.63
N THR D 137 -11.70 -23.46 0.54
CA THR D 137 -10.38 -22.92 0.79
C THR D 137 -10.05 -21.67 -0.07
N TYR D 138 -10.65 -21.53 -1.25
CA TYR D 138 -10.47 -20.35 -2.09
C TYR D 138 -11.29 -19.12 -1.63
N ARG D 139 -12.14 -19.28 -0.61
CA ARG D 139 -12.99 -18.17 -0.19
C ARG D 139 -12.16 -17.29 0.74
N LYS D 140 -11.66 -16.15 0.23
CA LYS D 140 -10.68 -15.32 0.98
C LYS D 140 -11.26 -13.99 1.46
N GLY D 141 -12.31 -13.50 0.81
CA GLY D 141 -12.90 -12.23 1.23
C GLY D 141 -14.39 -12.39 1.49
N SER D 142 -15.13 -11.31 1.31
CA SER D 142 -16.52 -11.34 1.67
C SER D 142 -17.45 -10.86 0.56
N THR D 143 -16.97 -10.78 -0.68
CA THR D 143 -17.86 -10.32 -1.75
C THR D 143 -18.81 -11.36 -2.33
N ASP D 144 -19.88 -10.86 -2.96
CA ASP D 144 -20.81 -11.70 -3.73
C ASP D 144 -20.19 -12.21 -5.00
N SER D 145 -19.34 -11.41 -5.61
CA SER D 145 -18.63 -11.82 -6.82
C SER D 145 -17.83 -13.10 -6.59
N GLU D 146 -17.15 -13.16 -5.45
CA GLU D 146 -16.27 -14.29 -5.15
C GLU D 146 -17.09 -15.53 -4.88
N VAL D 147 -18.19 -15.37 -4.16
CA VAL D 147 -19.19 -16.45 -4.05
C VAL D 147 -19.66 -16.98 -5.41
N LEU D 148 -20.10 -16.09 -6.30
CA LEU D 148 -20.60 -16.52 -7.58
C LEU D 148 -19.55 -17.43 -8.27
N PHE D 149 -18.30 -17.01 -8.22
CA PHE D 149 -17.22 -17.77 -8.88
C PHE D 149 -17.04 -19.14 -8.23
N LEU D 150 -16.96 -19.17 -6.92
CA LEU D 150 -16.71 -20.45 -6.22
C LEU D 150 -17.91 -21.39 -6.27
N LEU D 151 -19.11 -20.79 -6.23
CA LEU D 151 -20.36 -21.54 -6.48
C LEU D 151 -20.38 -22.14 -7.89
N ALA D 152 -19.92 -21.40 -8.89
CA ALA D 152 -19.87 -21.94 -10.24
C ALA D 152 -18.86 -23.10 -10.33
N LEU D 153 -17.69 -22.95 -9.71
CA LEU D 153 -16.78 -24.10 -9.56
C LEU D 153 -17.47 -25.28 -8.88
N SER D 154 -18.14 -25.03 -7.74
CA SER D 154 -18.89 -26.09 -7.02
C SER D 154 -19.91 -26.78 -7.93
N GLU D 155 -20.45 -26.03 -8.89
CA GLU D 155 -21.46 -26.54 -9.83
C GLU D 155 -20.86 -27.14 -11.13
N GLY D 156 -19.55 -27.34 -11.22
CA GLY D 156 -18.95 -27.98 -12.41
C GLY D 156 -18.40 -27.04 -13.47
N LEU D 157 -18.02 -25.80 -13.09
CA LEU D 157 -17.45 -24.85 -14.05
C LEU D 157 -16.33 -25.46 -14.90
N GLU D 158 -15.52 -26.31 -14.27
CA GLU D 158 -14.39 -26.98 -14.93
C GLU D 158 -14.73 -27.84 -16.12
N HIS D 159 -15.89 -28.49 -16.14
CA HIS D 159 -16.27 -29.26 -17.32
C HIS D 159 -17.53 -28.78 -18.02
N ASP D 160 -18.26 -27.82 -17.42
CA ASP D 160 -19.56 -27.37 -17.96
C ASP D 160 -19.81 -25.90 -17.61
N PRO D 161 -19.07 -24.97 -18.22
CA PRO D 161 -19.09 -23.57 -17.80
C PRO D 161 -20.46 -22.89 -17.89
N HIS D 162 -21.16 -23.07 -19.00
CA HIS D 162 -22.49 -22.53 -19.21
C HIS D 162 -23.50 -23.03 -18.17
N GLY D 163 -23.63 -24.36 -18.08
CA GLY D 163 -24.53 -24.99 -17.08
C GLY D 163 -24.15 -24.59 -15.66
N ALA D 164 -22.86 -24.59 -15.35
CA ALA D 164 -22.41 -24.31 -13.97
C ALA D 164 -22.68 -22.84 -13.59
N LEU D 165 -22.40 -21.90 -14.47
CA LEU D 165 -22.66 -20.51 -14.13
C LEU D 165 -24.18 -20.33 -13.97
N ALA D 166 -24.92 -20.88 -14.92
CA ALA D 166 -26.40 -20.93 -14.91
C ALA D 166 -26.96 -21.40 -13.54
N ARG D 167 -26.41 -22.50 -13.03
CA ARG D 167 -26.85 -23.04 -11.72
C ARG D 167 -26.43 -22.17 -10.50
N ALA D 168 -25.21 -21.67 -10.53
CA ALA D 168 -24.73 -20.78 -9.45
C ALA D 168 -25.61 -19.51 -9.37
N ILE D 169 -25.94 -18.96 -10.53
CA ILE D 169 -26.79 -17.77 -10.55
C ILE D 169 -28.21 -18.03 -10.02
N ALA D 170 -28.83 -19.13 -10.47
CA ALA D 170 -30.15 -19.55 -9.96
C ALA D 170 -30.14 -19.63 -8.43
N ARG D 171 -29.12 -20.29 -7.90
CA ARG D 171 -29.00 -20.45 -6.45
C ARG D 171 -28.91 -19.10 -5.72
N LEU D 172 -28.04 -18.21 -6.22
CA LEU D 172 -27.90 -16.92 -5.53
C LEU D 172 -29.11 -16.03 -5.70
N GLU D 173 -29.74 -16.10 -6.87
CA GLU D 173 -30.93 -15.32 -7.10
C GLU D 173 -32.06 -15.79 -6.19
N GLY D 174 -32.17 -17.11 -6.02
CA GLY D 174 -33.15 -17.68 -5.07
C GLY D 174 -32.93 -17.21 -3.63
N LEU D 175 -31.66 -17.18 -3.19
CA LEU D 175 -31.40 -16.71 -1.83
C LEU D 175 -31.75 -15.23 -1.72
N SER D 176 -31.51 -14.46 -2.80
CA SER D 176 -31.87 -13.05 -2.79
C SER D 176 -33.38 -12.89 -2.70
N ARG D 177 -34.13 -13.60 -3.55
CA ARG D 177 -35.59 -13.57 -3.45
C ARG D 177 -36.08 -13.94 -2.07
N ALA D 178 -35.40 -14.89 -1.42
CA ALA D 178 -35.79 -15.33 -0.06
C ALA D 178 -35.43 -14.36 1.06
N HIS D 179 -34.21 -13.82 1.01
CA HIS D 179 -33.67 -13.08 2.16
C HIS D 179 -33.22 -11.65 1.84
N GLY D 180 -33.19 -11.28 0.57
CA GLY D 180 -32.50 -10.08 0.12
C GLY D 180 -33.46 -9.01 -0.37
N THR D 181 -33.06 -8.28 -1.39
CA THR D 181 -33.91 -7.23 -1.94
C THR D 181 -33.69 -7.17 -3.43
N THR D 182 -34.40 -6.24 -4.05
CA THR D 182 -34.28 -5.87 -5.45
C THR D 182 -33.05 -5.00 -5.63
N PRO D 183 -32.38 -5.12 -6.77
CA PRO D 183 -32.52 -6.19 -7.79
C PRO D 183 -31.84 -7.46 -7.34
N HIS D 184 -32.48 -8.59 -7.60
CA HIS D 184 -32.01 -9.85 -7.08
C HIS D 184 -30.71 -10.29 -7.72
N MSE D 185 -30.56 -10.06 -9.02
CA MSE D 185 -29.34 -10.48 -9.70
C MSE D 185 -29.05 -9.55 -10.85
O MSE D 185 -29.86 -9.45 -11.77
CB MSE D 185 -29.47 -11.91 -10.23
CG MSE D 185 -28.25 -12.33 -11.11
SE MSE D 185 -26.59 -12.50 -10.01
CE MSE D 185 -27.23 -13.87 -8.77
N ARG D 186 -27.95 -8.81 -10.78
CA ARG D 186 -27.47 -8.04 -11.93
C ARG D 186 -26.07 -8.55 -12.24
N LEU D 187 -25.83 -8.96 -13.48
CA LEU D 187 -24.60 -9.68 -13.76
C LEU D 187 -24.02 -9.44 -15.16
N SER D 188 -22.78 -8.99 -15.22
CA SER D 188 -21.99 -9.13 -16.40
C SER D 188 -20.72 -9.73 -15.84
N ALA D 189 -20.22 -10.77 -16.48
CA ALA D 189 -19.01 -11.45 -15.97
C ALA D 189 -18.15 -11.85 -17.15
N ALA D 190 -16.84 -11.88 -16.94
CA ALA D 190 -15.88 -12.49 -17.88
C ALA D 190 -15.07 -13.51 -17.15
N PHE D 191 -14.71 -14.59 -17.83
CA PHE D 191 -14.04 -15.69 -17.16
C PHE D 191 -13.34 -16.59 -18.19
N SER D 192 -12.30 -17.31 -17.77
CA SER D 192 -11.43 -18.08 -18.70
C SER D 192 -10.82 -19.28 -18.03
N ASP D 193 -10.49 -20.28 -18.83
CA ASP D 193 -9.72 -21.43 -18.34
C ASP D 193 -8.32 -21.35 -18.91
N GLY D 194 -7.98 -20.23 -19.53
CA GLY D 194 -6.66 -20.09 -20.12
C GLY D 194 -6.57 -20.56 -21.55
N GLN D 195 -7.64 -21.15 -22.08
CA GLN D 195 -7.76 -21.48 -23.51
C GLN D 195 -8.93 -20.78 -24.22
N THR D 196 -10.07 -20.72 -23.54
CA THR D 196 -11.29 -20.10 -24.08
C THR D 196 -11.64 -18.92 -23.21
N LEU D 197 -12.20 -17.87 -23.80
CA LEU D 197 -12.62 -16.71 -23.01
C LEU D 197 -14.15 -16.68 -23.05
N TYR D 198 -14.78 -16.46 -21.90
CA TYR D 198 -16.23 -16.48 -21.80
C TYR D 198 -16.72 -15.14 -21.29
N ALA D 199 -17.96 -14.80 -21.62
CA ALA D 199 -18.57 -13.68 -20.94
C ALA D 199 -20.06 -13.91 -20.95
N ALA D 200 -20.74 -13.48 -19.89
CA ALA D 200 -22.18 -13.67 -19.82
C ALA D 200 -22.79 -12.38 -19.30
N ARG D 201 -24.04 -12.15 -19.64
CA ARG D 201 -24.79 -10.98 -19.20
C ARG D 201 -26.19 -11.44 -18.88
N TYR D 202 -26.65 -11.09 -17.67
CA TYR D 202 -27.97 -11.49 -17.21
C TYR D 202 -28.48 -10.57 -16.10
N SER D 203 -29.79 -10.39 -16.01
CA SER D 203 -30.39 -9.63 -14.90
C SER D 203 -31.76 -10.19 -14.52
N SER D 204 -32.12 -10.11 -13.26
CA SER D 204 -33.49 -10.46 -12.88
C SER D 204 -34.50 -9.36 -13.24
N ASP D 205 -34.03 -8.19 -13.69
CA ASP D 205 -34.95 -7.12 -14.12
C ASP D 205 -34.55 -6.60 -15.51
N HIS D 206 -34.98 -5.39 -15.87
CA HIS D 206 -34.68 -4.80 -17.19
C HIS D 206 -33.30 -4.15 -17.34
N ILE D 207 -32.56 -3.97 -16.23
CA ILE D 207 -31.22 -3.35 -16.29
C ILE D 207 -30.14 -4.42 -16.09
N ALA D 208 -29.16 -4.44 -16.98
CA ALA D 208 -28.04 -5.39 -16.92
C ALA D 208 -26.76 -4.65 -17.25
N PRO D 209 -25.70 -4.76 -16.43
CA PRO D 209 -24.46 -4.08 -16.77
C PRO D 209 -24.02 -4.51 -18.18
N SER D 210 -23.43 -3.60 -18.94
CA SER D 210 -23.36 -3.77 -20.36
C SER D 210 -22.15 -4.62 -20.77
N VAL D 211 -22.23 -5.24 -21.94
CA VAL D 211 -21.10 -6.01 -22.44
C VAL D 211 -21.00 -5.78 -23.94
N TYR D 212 -19.80 -5.50 -24.44
CA TYR D 212 -19.61 -5.28 -25.88
C TYR D 212 -18.38 -6.07 -26.28
N TYR D 213 -18.26 -6.44 -27.56
CA TYR D 213 -17.07 -7.17 -28.02
C TYR D 213 -16.81 -6.80 -29.45
N ARG D 214 -15.54 -6.91 -29.87
CA ARG D 214 -15.20 -6.58 -31.26
C ARG D 214 -13.87 -7.25 -31.60
N TYR D 215 -13.72 -7.72 -32.83
CA TYR D 215 -12.44 -8.27 -33.24
C TYR D 215 -11.56 -7.09 -33.68
N SER D 216 -10.37 -6.95 -33.09
CA SER D 216 -9.42 -5.92 -33.50
C SER D 216 -8.43 -6.47 -34.52
N HIS D 217 -8.53 -5.96 -35.74
CA HIS D 217 -7.59 -6.31 -36.81
C HIS D 217 -6.22 -5.73 -36.54
N ALA D 218 -6.18 -4.58 -35.87
CA ALA D 218 -4.91 -3.99 -35.42
C ALA D 218 -4.20 -4.82 -34.30
N ARG D 219 -4.96 -5.37 -33.36
CA ARG D 219 -4.34 -6.23 -32.35
C ARG D 219 -4.27 -7.69 -32.85
N GLN D 220 -5.20 -8.08 -33.73
CA GLN D 220 -5.35 -9.49 -34.15
C GLN D 220 -5.81 -10.41 -32.99
N GLY D 221 -6.92 -10.00 -32.36
CA GLY D 221 -7.57 -10.76 -31.32
C GLY D 221 -8.85 -10.03 -30.90
N TRP D 222 -9.65 -10.69 -30.08
CA TRP D 222 -10.94 -10.17 -29.62
C TRP D 222 -10.85 -9.40 -28.29
N ALA D 223 -11.53 -8.27 -28.21
CA ALA D 223 -11.70 -7.55 -26.96
C ALA D 223 -13.16 -7.66 -26.52
N VAL D 224 -13.39 -7.73 -25.21
CA VAL D 224 -14.71 -7.74 -24.61
C VAL D 224 -14.62 -6.73 -23.45
N VAL D 225 -15.59 -5.87 -23.33
CA VAL D 225 -15.48 -4.74 -22.44
C VAL D 225 -16.85 -4.42 -21.85
N SER D 226 -16.86 -3.72 -20.71
CA SER D 226 -18.08 -3.22 -20.12
C SER D 226 -18.59 -1.96 -20.82
N GLU D 227 -17.71 -1.25 -21.52
CA GLU D 227 -18.12 -0.05 -22.27
C GLU D 227 -17.14 0.29 -23.39
N PRO D 228 -17.65 0.59 -24.60
CA PRO D 228 -16.75 0.68 -25.77
C PRO D 228 -15.68 1.78 -25.67
N LEU D 229 -14.44 1.40 -26.01
CA LEU D 229 -13.30 2.32 -26.01
C LEU D 229 -12.91 2.83 -27.41
N GLU D 230 -12.00 2.12 -28.11
CA GLU D 230 -11.58 2.51 -29.47
C GLU D 230 -12.77 2.48 -30.45
N THR D 231 -13.15 3.67 -30.91
CA THR D 231 -14.31 3.82 -31.77
C THR D 231 -13.91 4.25 -33.18
N ASP D 232 -12.60 4.31 -33.44
CA ASP D 232 -12.06 4.62 -34.78
C ASP D 232 -11.97 3.37 -35.68
N GLU D 233 -11.85 2.20 -35.07
CA GLU D 233 -11.51 0.97 -35.80
C GLU D 233 -12.67 -0.03 -35.98
N GLY D 234 -13.90 0.46 -36.05
CA GLY D 234 -15.05 -0.44 -36.20
C GLY D 234 -15.99 -0.47 -35.01
N ASP D 235 -17.24 -0.88 -35.27
CA ASP D 235 -18.27 -0.88 -34.27
C ASP D 235 -18.13 -2.02 -33.28
N TRP D 236 -18.65 -1.80 -32.08
CA TRP D 236 -18.69 -2.84 -31.06
C TRP D 236 -20.00 -3.59 -31.17
N THR D 237 -19.98 -4.89 -30.90
CA THR D 237 -21.20 -5.67 -30.93
C THR D 237 -21.71 -5.79 -29.51
N GLU D 238 -22.94 -5.36 -29.24
CA GLU D 238 -23.49 -5.50 -27.92
C GLU D 238 -23.85 -6.98 -27.59
N LEU D 239 -23.43 -7.51 -26.45
CA LEU D 239 -23.93 -8.82 -26.04
C LEU D 239 -25.22 -8.54 -25.29
N ARG D 240 -26.34 -8.98 -25.84
CA ARG D 240 -27.64 -8.74 -25.20
C ARG D 240 -27.79 -9.47 -23.86
N PRO D 241 -28.61 -8.92 -22.95
CA PRO D 241 -28.93 -9.62 -21.69
C PRO D 241 -29.50 -11.01 -22.01
N GLY D 242 -29.24 -12.02 -21.17
CA GLY D 242 -29.78 -13.36 -21.44
C GLY D 242 -28.93 -14.14 -22.45
N ARG D 243 -27.66 -13.79 -22.55
CA ARG D 243 -26.74 -14.33 -23.58
C ARG D 243 -25.35 -14.65 -23.01
N MSE D 244 -24.68 -15.63 -23.60
CA MSE D 244 -23.31 -15.99 -23.24
C MSE D 244 -22.42 -16.05 -24.48
O MSE D 244 -22.79 -16.66 -25.49
CB MSE D 244 -23.23 -17.33 -22.48
CG MSE D 244 -21.78 -17.82 -22.23
SE MSE D 244 -21.64 -19.30 -20.89
CE MSE D 244 -22.50 -18.37 -19.47
N LEU D 245 -21.25 -15.44 -24.38
CA LEU D 245 -20.34 -15.33 -25.49
C LEU D 245 -19.19 -16.30 -25.21
N THR D 246 -18.73 -16.97 -26.25
CA THR D 246 -17.61 -17.91 -26.11
C THR D 246 -16.63 -17.57 -27.22
N ILE D 247 -15.38 -17.28 -26.83
CA ILE D 247 -14.31 -17.03 -27.78
C ILE D 247 -13.18 -18.03 -27.57
N GLY D 248 -12.97 -18.87 -28.57
CA GLY D 248 -11.97 -19.92 -28.46
C GLY D 248 -11.43 -20.34 -29.80
N ALA D 249 -11.09 -21.62 -29.92
CA ALA D 249 -10.38 -22.10 -31.10
C ALA D 249 -11.21 -22.01 -32.39
N GLU D 250 -12.53 -21.88 -32.26
CA GLU D 250 -13.44 -21.75 -33.41
C GLU D 250 -13.77 -20.30 -33.84
N GLY D 251 -13.40 -19.31 -33.03
CA GLY D 251 -13.85 -17.91 -33.23
C GLY D 251 -14.81 -17.53 -32.10
N ALA D 252 -15.69 -16.56 -32.37
CA ALA D 252 -16.62 -16.06 -31.34
C ALA D 252 -18.03 -16.50 -31.63
N ALA D 253 -18.73 -17.03 -30.64
CA ALA D 253 -20.10 -17.48 -30.84
C ALA D 253 -20.95 -17.14 -29.61
N GLU D 254 -22.22 -16.81 -29.86
CA GLU D 254 -23.18 -16.53 -28.79
C GLU D 254 -24.20 -17.64 -28.64
N ARG D 255 -24.84 -17.68 -27.48
CA ARG D 255 -25.70 -18.78 -27.06
C ARG D 255 -26.67 -18.19 -26.04
N ASP D 256 -27.90 -18.70 -25.97
CA ASP D 256 -28.88 -18.23 -24.97
C ASP D 256 -28.38 -18.61 -23.57
N PHE D 257 -28.73 -17.79 -22.59
CA PHE D 257 -28.24 -18.01 -21.23
C PHE D 257 -29.29 -17.52 -20.25
N ALA D 258 -29.81 -18.43 -19.44
CA ALA D 258 -30.75 -18.05 -18.39
C ALA D 258 -30.42 -18.89 -17.18
N PRO D 259 -30.70 -18.39 -15.96
CA PRO D 259 -30.46 -19.20 -14.75
C PRO D 259 -31.14 -20.56 -14.86
N ALA D 260 -30.51 -21.59 -14.31
CA ALA D 260 -30.98 -22.97 -14.45
C ALA D 260 -32.39 -23.17 -13.93
N ASP D 261 -33.13 -24.08 -14.57
CA ASP D 261 -34.43 -24.52 -14.08
C ASP D 261 -34.26 -25.12 -12.68
#